data_1EVW
#
_entry.id   1EVW
#
_cell.length_a   182.000
_cell.length_b   73.100
_cell.length_c   92.700
_cell.angle_alpha   90.00
_cell.angle_beta   95.40
_cell.angle_gamma   90.00
#
_symmetry.space_group_name_H-M   'C 1 2 1'
#
loop_
_entity.id
_entity.type
_entity.pdbx_description
1 polymer "DNA (5'-D(*TP*GP*GP*CP*TP*AP*CP*CP*TP*TP*AP*A)-3')"
2 polymer "DNA (5'-D(P*GP*AP*GP*AP*GP*TP*CP*A)-3')"
3 polymer "DNA (5'-D(*TP*GP*AP*CP*TP*CP*TP*CP*TP*TP*AP*A)-3')"
4 polymer "DNA (5'-D(P*GP*GP*TP*AP*GP*CP*CP*A)-3')"
5 polymer 'I-PPOI HOMING ENDONUCLEASE'
6 non-polymer 'MAGNESIUM ION'
7 non-polymer 'ZINC ION'
#
loop_
_entity_poly.entity_id
_entity_poly.type
_entity_poly.pdbx_seq_one_letter_code
_entity_poly.pdbx_strand_id
1 'polydeoxyribonucleotide' (DT)(DG)(DG)(DC)(DT)(DA)(DC)(DC)(DT)(DT)(DA)(DA) E,G
2 'polydeoxyribonucleotide' (DG)(DA)(DG)(DA)(DG)(DT)(DC)(DA) M,N
3 'polydeoxyribonucleotide' (DT)(DG)(DA)(DC)(DT)(DC)(DT)(DC)(DT)(DT)(DA)(DA) F,H
4 'polydeoxyribonucleotide' (DG)(DG)(DT)(DA)(DG)(DC)(DC)(DA) O,P
5 'polypeptide(L)'
;MALTNAQILAVIDSWEETVGQFPVITHHVPLGGGLQGTLHCYEIPLAAPYGVGFAKNGPTRWQYKRTINQVVHRWGSHTV
PFLLEPDNINGKTCTASHLCHNTRCHNPLHLCWESADDNKGRNWCPGPNGGCVHAVVCLRQGPLYGPGATVAGPQQRGSH
FVV
;
A,B,C,D
#
# COMPACT_ATOMS: atom_id res chain seq x y z
N ALA I 2 46.64 -33.49 28.09
CA ALA I 2 46.26 -34.90 28.37
C ALA I 2 46.69 -35.81 27.22
N LEU I 3 45.85 -35.89 26.18
CA LEU I 3 46.17 -36.72 25.03
C LEU I 3 47.43 -36.20 24.36
N THR I 4 48.24 -37.11 23.83
CA THR I 4 49.46 -36.70 23.18
C THR I 4 49.18 -36.49 21.72
N ASN I 5 50.02 -35.66 21.11
CA ASN I 5 49.91 -35.34 19.71
C ASN I 5 49.76 -36.64 18.90
N ALA I 6 50.62 -37.61 19.21
CA ALA I 6 50.60 -38.91 18.56
C ALA I 6 49.25 -39.59 18.77
N GLN I 7 48.71 -39.47 19.98
CA GLN I 7 47.43 -40.07 20.30
C GLN I 7 46.31 -39.40 19.51
N ILE I 8 46.41 -38.08 19.36
CA ILE I 8 45.42 -37.29 18.65
C ILE I 8 45.32 -37.78 17.20
N LEU I 9 46.45 -37.68 16.50
CA LEU I 9 46.51 -38.10 15.11
C LEU I 9 45.88 -39.49 14.96
N ALA I 10 46.14 -40.33 15.96
CA ALA I 10 45.61 -41.69 15.95
C ALA I 10 44.10 -41.58 15.77
N VAL I 11 43.49 -40.70 16.55
CA VAL I 11 42.06 -40.49 16.49
C VAL I 11 41.63 -40.06 15.11
N ILE I 12 42.17 -38.93 14.69
CA ILE I 12 41.82 -38.39 13.40
C ILE I 12 41.86 -39.45 12.32
N ASP I 13 42.91 -40.27 12.32
CA ASP I 13 43.06 -41.31 11.33
C ASP I 13 41.98 -42.36 11.44
N SER I 14 41.66 -42.78 12.66
CA SER I 14 40.61 -43.78 12.83
C SER I 14 39.30 -43.18 12.35
N TRP I 15 39.17 -41.87 12.52
CA TRP I 15 37.98 -41.12 12.10
C TRP I 15 37.87 -41.17 10.58
N GLU I 16 38.88 -40.63 9.90
CA GLU I 16 38.93 -40.57 8.43
C GLU I 16 38.60 -41.92 7.79
N GLU I 17 39.05 -42.97 8.47
CA GLU I 17 38.86 -44.35 8.05
C GLU I 17 37.39 -44.73 8.04
N THR I 18 36.76 -44.62 9.21
CA THR I 18 35.36 -44.95 9.36
C THR I 18 34.49 -44.05 8.51
N VAL I 19 34.88 -42.79 8.43
CA VAL I 19 34.14 -41.81 7.63
C VAL I 19 34.25 -42.18 6.16
N GLY I 20 35.43 -42.63 5.75
CA GLY I 20 35.66 -42.98 4.35
C GLY I 20 34.69 -43.99 3.75
N GLN I 21 34.00 -44.76 4.60
CA GLN I 21 33.09 -45.79 4.11
C GLN I 21 31.65 -45.42 4.10
N PHE I 22 31.41 -44.14 4.40
CA PHE I 22 30.07 -43.64 4.39
C PHE I 22 29.74 -43.60 2.92
N PRO I 23 28.48 -43.84 2.60
CA PRO I 23 28.05 -43.80 1.19
C PRO I 23 28.47 -42.48 0.56
N VAL I 24 28.90 -42.49 -0.70
CA VAL I 24 29.32 -41.27 -1.36
C VAL I 24 28.19 -40.77 -2.24
N ILE I 25 27.90 -39.48 -2.12
CA ILE I 25 26.84 -38.85 -2.89
C ILE I 25 27.38 -37.78 -3.80
N THR I 26 27.00 -37.88 -5.06
CA THR I 26 27.44 -36.95 -6.08
C THR I 26 26.39 -35.85 -6.25
N HIS I 27 26.82 -34.63 -5.95
CA HIS I 27 25.94 -33.48 -6.01
C HIS I 27 26.41 -32.43 -7.00
N HIS I 28 25.47 -31.89 -7.76
CA HIS I 28 25.76 -30.83 -8.72
C HIS I 28 25.48 -29.54 -7.97
N VAL I 29 26.46 -28.65 -7.92
CA VAL I 29 26.23 -27.40 -7.23
C VAL I 29 26.67 -26.23 -8.07
N PRO I 30 26.01 -25.07 -7.92
CA PRO I 30 26.36 -23.88 -8.67
C PRO I 30 27.63 -23.25 -8.06
N LEU I 31 28.65 -23.02 -8.88
CA LEU I 31 29.90 -22.42 -8.39
C LEU I 31 29.82 -20.91 -8.58
N GLY I 32 28.88 -20.50 -9.41
CA GLY I 32 28.69 -19.09 -9.68
C GLY I 32 29.05 -18.82 -11.12
N GLY I 33 28.84 -17.59 -11.58
CA GLY I 33 29.16 -17.29 -12.97
C GLY I 33 28.35 -18.16 -13.91
N GLY I 34 27.22 -18.67 -13.43
CA GLY I 34 26.37 -19.50 -14.26
C GLY I 34 27.04 -20.83 -14.56
N LEU I 35 28.05 -21.15 -13.75
CA LEU I 35 28.81 -22.38 -13.90
C LEU I 35 28.38 -23.40 -12.88
N GLN I 36 28.41 -24.66 -13.28
CA GLN I 36 27.99 -25.71 -12.41
C GLN I 36 29.16 -26.67 -12.22
N GLY I 37 29.26 -27.24 -11.03
CA GLY I 37 30.33 -28.15 -10.70
C GLY I 37 29.77 -29.40 -10.05
N THR I 38 30.66 -30.26 -9.58
CA THR I 38 30.25 -31.51 -8.93
C THR I 38 31.00 -31.71 -7.62
N LEU I 39 30.30 -32.26 -6.64
CA LEU I 39 30.88 -32.51 -5.33
C LEU I 39 30.49 -33.91 -4.85
N HIS I 40 31.28 -34.46 -3.94
CA HIS I 40 31.03 -35.80 -3.41
C HIS I 40 30.98 -35.80 -1.90
N CYS I 41 29.78 -35.89 -1.35
CA CYS I 41 29.65 -35.87 0.11
C CYS I 41 29.60 -37.29 0.68
N TYR I 42 30.29 -37.51 1.79
CA TYR I 42 30.31 -38.80 2.47
C TYR I 42 29.31 -38.65 3.60
N GLU I 43 28.05 -38.92 3.29
CA GLU I 43 26.96 -38.76 4.25
C GLU I 43 26.74 -39.86 5.27
N ILE I 44 26.74 -39.46 6.54
CA ILE I 44 26.49 -40.39 7.64
C ILE I 44 25.06 -40.94 7.46
N PRO I 45 24.82 -42.20 7.80
CA PRO I 45 23.47 -42.74 7.64
C PRO I 45 22.39 -41.90 8.31
N LEU I 46 21.14 -42.13 7.91
CA LEU I 46 20.01 -41.41 8.48
C LEU I 46 19.71 -41.92 9.88
N ALA I 47 19.86 -43.23 10.05
CA ALA I 47 19.59 -43.87 11.33
C ALA I 47 20.72 -44.79 11.75
N ALA I 48 20.66 -45.25 13.01
CA ALA I 48 21.67 -46.15 13.53
C ALA I 48 21.54 -47.47 12.75
N PRO I 49 22.67 -48.15 12.52
CA PRO I 49 23.97 -47.66 12.98
C PRO I 49 24.55 -46.64 12.02
N TYR I 50 25.17 -45.61 12.58
CA TYR I 50 25.77 -44.55 11.77
C TYR I 50 27.16 -44.97 11.38
N GLY I 51 27.92 -45.44 12.36
CA GLY I 51 29.29 -45.83 12.10
C GLY I 51 29.94 -46.33 13.36
N VAL I 52 31.26 -46.44 13.31
CA VAL I 52 32.06 -46.91 14.43
C VAL I 52 32.41 -45.78 15.37
N GLY I 53 31.72 -45.70 16.50
CA GLY I 53 32.00 -44.65 17.46
C GLY I 53 31.24 -43.38 17.19
N PHE I 54 30.22 -43.48 16.35
CA PHE I 54 29.40 -42.34 16.00
C PHE I 54 28.02 -42.49 16.61
N ALA I 55 27.45 -41.38 17.05
CA ALA I 55 26.13 -41.39 17.65
C ALA I 55 25.42 -40.10 17.35
N LYS I 56 24.11 -40.14 17.53
CA LYS I 56 23.29 -38.99 17.26
C LYS I 56 22.76 -38.34 18.53
N ASN I 57 23.31 -37.17 18.85
CA ASN I 57 22.88 -36.43 20.02
C ASN I 57 21.76 -35.46 19.63
N GLY I 58 21.49 -35.38 18.33
CA GLY I 58 20.43 -34.50 17.83
C GLY I 58 20.07 -34.80 16.38
N PRO I 59 18.90 -34.35 15.91
CA PRO I 59 18.42 -34.55 14.54
C PRO I 59 19.52 -34.53 13.49
N THR I 60 20.28 -33.44 13.51
CA THR I 60 21.39 -33.25 12.60
C THR I 60 22.65 -32.99 13.41
N ARG I 61 22.79 -33.74 14.51
CA ARG I 61 23.94 -33.61 15.38
C ARG I 61 24.49 -35.01 15.73
N TRP I 62 25.82 -35.13 15.69
CA TRP I 62 26.48 -36.39 16.01
C TRP I 62 27.74 -36.18 16.83
N GLN I 63 28.25 -37.26 17.41
CA GLN I 63 29.43 -37.19 18.24
C GLN I 63 30.32 -38.41 18.02
N TYR I 64 31.64 -38.19 18.02
CA TYR I 64 32.59 -39.28 17.84
C TYR I 64 33.16 -39.55 19.21
N LYS I 65 33.25 -40.82 19.57
CA LYS I 65 33.76 -41.21 20.88
C LYS I 65 34.78 -42.34 20.83
N ARG I 66 35.91 -42.12 21.50
CA ARG I 66 36.99 -43.10 21.53
C ARG I 66 37.54 -43.26 22.95
N THR I 67 37.75 -44.50 23.38
CA THR I 67 38.30 -44.75 24.71
C THR I 67 39.82 -44.84 24.61
N ILE I 68 40.52 -44.19 25.52
CA ILE I 68 41.97 -44.24 25.48
C ILE I 68 42.61 -44.32 26.85
N ASN I 69 43.30 -45.43 27.11
CA ASN I 69 43.95 -45.65 28.39
C ASN I 69 42.92 -45.58 29.48
N GLN I 70 41.78 -46.22 29.24
CA GLN I 70 40.68 -46.30 30.21
C GLN I 70 39.90 -45.03 30.44
N VAL I 71 39.93 -44.09 29.50
CA VAL I 71 39.16 -42.87 29.66
C VAL I 71 38.49 -42.56 28.33
N VAL I 72 37.17 -42.40 28.38
CA VAL I 72 36.40 -42.10 27.18
C VAL I 72 36.59 -40.66 26.75
N HIS I 73 36.66 -40.45 25.44
CA HIS I 73 36.82 -39.11 24.90
C HIS I 73 35.76 -38.92 23.85
N ARG I 74 35.09 -37.77 23.88
CA ARG I 74 34.04 -37.52 22.94
C ARG I 74 34.20 -36.13 22.35
N TRP I 75 33.89 -36.00 21.08
CA TRP I 75 33.98 -34.72 20.41
C TRP I 75 32.82 -34.64 19.43
N GLY I 76 32.76 -33.52 18.71
CA GLY I 76 31.72 -33.33 17.71
C GLY I 76 32.12 -34.03 16.43
N SER I 77 31.21 -34.86 15.91
CA SER I 77 31.47 -35.61 14.69
C SER I 77 32.18 -34.86 13.58
N HIS I 78 32.24 -33.53 13.63
CA HIS I 78 32.91 -32.77 12.57
C HIS I 78 34.11 -31.99 13.11
N THR I 79 34.31 -31.99 14.41
CA THR I 79 35.39 -31.24 15.01
C THR I 79 36.76 -31.94 14.91
N VAL I 80 36.75 -33.28 14.78
CA VAL I 80 37.99 -34.05 14.74
C VAL I 80 39.11 -33.55 13.84
N PRO I 81 38.85 -33.38 12.54
CA PRO I 81 39.90 -32.92 11.62
C PRO I 81 40.72 -31.74 12.12
N PHE I 82 40.16 -30.96 13.03
CA PHE I 82 40.83 -29.79 13.54
C PHE I 82 41.09 -29.91 15.05
N LEU I 83 41.62 -31.05 15.50
CA LEU I 83 41.89 -31.24 16.92
C LEU I 83 43.24 -30.68 17.34
N LEU I 84 44.09 -30.36 16.38
CA LEU I 84 45.42 -29.83 16.69
C LEU I 84 45.38 -28.31 16.60
N GLU I 85 44.42 -27.81 15.81
CA GLU I 85 44.22 -26.38 15.59
C GLU I 85 43.66 -25.73 16.85
N PRO I 86 43.82 -24.40 16.98
CA PRO I 86 43.32 -23.66 18.16
C PRO I 86 41.79 -23.70 18.23
N ASP I 87 41.22 -23.10 19.27
CA ASP I 87 39.77 -23.09 19.41
C ASP I 87 39.19 -21.68 19.50
N ASN I 88 39.96 -20.71 19.04
CA ASN I 88 39.55 -19.32 19.06
C ASN I 88 40.51 -18.46 18.24
N ILE I 89 39.94 -17.57 17.44
CA ILE I 89 40.72 -16.67 16.61
C ILE I 89 40.22 -15.26 16.95
N ASN I 90 41.12 -14.42 17.46
CA ASN I 90 40.78 -13.05 17.83
C ASN I 90 39.71 -13.10 18.92
N GLY I 91 39.77 -14.12 19.77
CA GLY I 91 38.80 -14.23 20.84
C GLY I 91 37.49 -14.88 20.42
N LYS I 92 37.38 -15.23 19.14
CA LYS I 92 36.16 -15.86 18.64
C LYS I 92 36.26 -17.38 18.59
N THR I 93 35.31 -18.09 19.20
CA THR I 93 35.33 -19.55 19.17
C THR I 93 35.17 -20.04 17.75
N CYS I 94 35.98 -21.02 17.38
CA CYS I 94 35.93 -21.59 16.05
C CYS I 94 35.04 -22.83 16.10
N THR I 95 34.45 -23.14 14.95
CA THR I 95 33.61 -24.33 14.81
C THR I 95 33.93 -24.94 13.46
N ALA I 96 33.18 -25.97 13.09
CA ALA I 96 33.41 -26.62 11.82
C ALA I 96 32.39 -26.09 10.81
N SER I 97 32.81 -25.53 9.68
CA SER I 97 31.82 -25.05 8.66
C SER I 97 31.79 -25.95 7.48
N HIS I 98 30.57 -26.30 7.05
CA HIS I 98 30.40 -27.12 5.85
C HIS I 98 30.53 -26.23 4.65
N LEU I 99 31.42 -26.61 3.76
CA LEU I 99 31.66 -25.83 2.55
C LEU I 99 30.69 -26.34 1.50
N CYS I 100 30.07 -27.49 1.78
CA CYS I 100 29.12 -28.08 0.85
C CYS I 100 27.70 -27.82 1.34
N HIS I 101 27.58 -27.31 2.56
CA HIS I 101 26.28 -27.00 3.15
C HIS I 101 25.45 -28.25 3.31
N ASN I 102 26.10 -29.36 3.63
CA ASN I 102 25.42 -30.63 3.82
C ASN I 102 25.83 -31.22 5.17
N THR I 103 24.94 -31.12 6.15
CA THR I 103 25.22 -31.62 7.49
C THR I 103 25.68 -33.07 7.54
N ARG I 104 24.86 -33.98 7.02
CA ARG I 104 25.19 -35.40 7.03
C ARG I 104 26.57 -35.73 6.44
N CYS I 105 27.05 -34.88 5.55
CA CYS I 105 28.36 -35.08 4.93
C CYS I 105 29.45 -34.88 5.98
N HIS I 106 30.51 -35.69 5.90
CA HIS I 106 31.61 -35.61 6.85
C HIS I 106 32.97 -35.63 6.17
N ASN I 107 32.98 -35.36 4.88
CA ASN I 107 34.22 -35.34 4.11
C ASN I 107 35.03 -34.11 4.53
N PRO I 108 36.19 -34.32 5.16
CA PRO I 108 37.06 -33.22 5.62
C PRO I 108 37.50 -32.28 4.53
N LEU I 109 37.33 -32.68 3.29
CA LEU I 109 37.70 -31.84 2.17
C LEU I 109 36.60 -30.80 1.98
N HIS I 110 35.45 -31.07 2.61
CA HIS I 110 34.29 -30.21 2.57
C HIS I 110 34.10 -29.61 3.95
N LEU I 111 35.20 -29.25 4.60
CA LEU I 111 35.10 -28.67 5.94
C LEU I 111 36.20 -27.64 6.20
N CYS I 112 36.01 -26.87 7.27
CA CYS I 112 36.96 -25.85 7.72
C CYS I 112 36.65 -25.34 9.12
N TRP I 113 37.69 -24.81 9.76
CA TRP I 113 37.64 -24.30 11.13
C TRP I 113 37.59 -22.78 11.12
N GLU I 114 36.42 -22.22 11.36
CA GLU I 114 36.27 -20.77 11.35
C GLU I 114 35.19 -20.34 12.32
N SER I 115 35.19 -19.05 12.64
CA SER I 115 34.22 -18.46 13.54
C SER I 115 32.79 -18.73 13.09
N ALA I 116 31.84 -18.46 13.97
CA ALA I 116 30.43 -18.70 13.64
C ALA I 116 29.93 -17.70 12.58
N ASP I 117 30.53 -16.52 12.54
CA ASP I 117 30.07 -15.52 11.62
C ASP I 117 30.54 -15.82 10.22
N ASP I 118 31.84 -16.13 10.12
CA ASP I 118 32.42 -16.50 8.85
C ASP I 118 31.62 -17.66 8.25
N ASN I 119 31.34 -18.65 9.07
CA ASN I 119 30.57 -19.83 8.63
C ASN I 119 29.24 -19.40 8.01
N LYS I 120 28.49 -18.59 8.73
CA LYS I 120 27.21 -18.11 8.23
C LYS I 120 27.30 -17.33 6.94
N GLY I 121 28.31 -16.48 6.85
CA GLY I 121 28.52 -15.67 5.68
C GLY I 121 28.57 -16.44 4.37
N ARG I 122 29.21 -17.60 4.40
CA ARG I 122 29.31 -18.42 3.21
C ARG I 122 27.91 -18.66 2.63
N ASN I 123 26.90 -18.63 3.50
CA ASN I 123 25.53 -18.85 3.08
C ASN I 123 25.06 -17.95 1.95
N TRP I 124 25.63 -16.74 1.86
CA TRP I 124 25.25 -15.78 0.84
C TRP I 124 26.38 -15.47 -0.14
N CYS I 125 27.43 -16.30 -0.13
CA CYS I 125 28.58 -16.11 -1.03
C CYS I 125 28.22 -16.44 -2.47
N PRO I 126 28.62 -15.59 -3.42
CA PRO I 126 28.32 -15.78 -4.84
C PRO I 126 28.89 -17.08 -5.38
N GLY I 127 29.92 -17.59 -4.71
CA GLY I 127 30.56 -18.81 -5.14
C GLY I 127 31.97 -18.53 -5.62
N PRO I 128 32.81 -19.57 -5.79
CA PRO I 128 34.19 -19.39 -6.26
C PRO I 128 34.25 -18.90 -7.70
N ASN I 129 33.16 -19.12 -8.43
CA ASN I 129 33.04 -18.69 -9.82
C ASN I 129 32.15 -17.45 -9.93
N GLY I 130 31.50 -17.08 -8.83
CA GLY I 130 30.65 -15.92 -8.80
C GLY I 130 31.42 -14.69 -8.36
N GLY I 131 32.55 -14.91 -7.68
CA GLY I 131 33.36 -13.81 -7.23
C GLY I 131 33.73 -13.93 -5.76
N CYS I 132 33.69 -15.13 -5.20
CA CYS I 132 34.02 -15.33 -3.79
C CYS I 132 35.38 -14.72 -3.43
N VAL I 133 35.47 -14.14 -2.23
CA VAL I 133 36.71 -13.51 -1.78
C VAL I 133 37.19 -14.10 -0.47
N HIS I 134 36.52 -15.17 -0.03
CA HIS I 134 36.89 -15.83 1.22
C HIS I 134 38.35 -16.30 1.17
N ALA I 135 39.08 -16.08 2.25
CA ALA I 135 40.48 -16.49 2.31
C ALA I 135 40.56 -17.97 1.93
N VAL I 136 39.72 -18.78 2.56
CA VAL I 136 39.66 -20.20 2.28
C VAL I 136 38.49 -20.32 1.32
N VAL I 137 38.77 -20.25 0.01
CA VAL I 137 37.72 -20.30 -1.01
C VAL I 137 36.55 -21.23 -0.75
N CYS I 138 35.40 -20.85 -1.29
CA CYS I 138 34.17 -21.63 -1.15
C CYS I 138 34.22 -22.75 -2.19
N LEU I 139 33.52 -23.84 -1.92
CA LEU I 139 33.47 -24.98 -2.84
C LEU I 139 32.22 -24.84 -3.69
N ARG I 140 31.32 -23.97 -3.26
CA ARG I 140 30.08 -23.74 -3.97
C ARG I 140 29.52 -22.39 -3.57
N GLN I 141 28.59 -21.89 -4.37
CA GLN I 141 27.95 -20.61 -4.09
C GLN I 141 26.88 -20.82 -3.01
N GLY I 142 26.82 -19.91 -2.05
CA GLY I 142 25.83 -20.04 -0.99
C GLY I 142 24.47 -20.44 -1.52
N PRO I 143 23.68 -21.15 -0.70
CA PRO I 143 22.35 -21.58 -1.09
C PRO I 143 21.32 -20.49 -0.91
N LEU I 144 21.77 -19.34 -0.43
CA LEU I 144 20.89 -18.21 -0.18
C LEU I 144 21.26 -17.02 -1.02
N TYR I 145 22.32 -17.15 -1.82
CA TYR I 145 22.73 -16.05 -2.68
C TYR I 145 21.60 -15.73 -3.64
N GLY I 146 21.39 -14.44 -3.90
CA GLY I 146 20.32 -14.04 -4.80
C GLY I 146 19.93 -12.59 -4.60
N PRO I 147 18.88 -12.12 -5.30
CA PRO I 147 18.44 -10.73 -5.16
C PRO I 147 17.46 -10.61 -3.98
N GLY I 148 16.88 -11.75 -3.59
CA GLY I 148 15.95 -11.76 -2.48
C GLY I 148 14.52 -11.48 -2.88
N ALA I 149 13.63 -11.47 -1.89
CA ALA I 149 12.21 -11.23 -2.14
C ALA I 149 11.68 -10.07 -1.28
N THR I 150 12.52 -9.04 -1.04
CA THR I 150 12.19 -7.86 -0.25
C THR I 150 10.85 -7.28 -0.72
N VAL I 151 9.90 -7.17 0.21
CA VAL I 151 8.56 -6.65 -0.08
C VAL I 151 8.51 -5.13 -0.31
N ALA I 152 9.01 -4.33 0.63
CA ALA I 152 8.96 -2.89 0.44
C ALA I 152 10.34 -2.31 0.66
N GLY I 153 10.67 -1.35 -0.20
CA GLY I 153 11.96 -0.67 -0.08
C GLY I 153 11.86 0.57 0.80
N PRO I 154 12.93 1.38 0.93
CA PRO I 154 12.92 2.59 1.75
C PRO I 154 12.00 3.60 1.09
N GLN I 155 11.29 4.36 1.91
CA GLN I 155 10.35 5.38 1.44
C GLN I 155 9.76 6.20 2.59
N GLN I 156 9.55 7.48 2.31
CA GLN I 156 8.99 8.42 3.25
C GLN I 156 7.78 9.08 2.59
N ARG I 157 6.77 9.40 3.37
CA ARG I 157 5.56 10.02 2.85
C ARG I 157 5.72 11.51 2.74
N GLY I 158 6.23 12.09 3.82
CA GLY I 158 6.45 13.51 3.87
C GLY I 158 7.71 13.91 3.14
N SER I 159 8.62 14.56 3.86
CA SER I 159 9.87 15.06 3.30
C SER I 159 10.77 15.40 4.49
N HIS I 160 10.50 14.75 5.61
CA HIS I 160 11.25 15.01 6.82
C HIS I 160 12.66 14.42 6.75
N PHE I 161 12.96 13.58 5.75
CA PHE I 161 14.26 12.96 5.66
C PHE I 161 15.02 13.03 4.33
N VAL I 162 16.31 12.70 4.41
CA VAL I 162 17.23 12.64 3.28
C VAL I 162 18.14 11.44 3.58
N VAL I 163 18.76 10.92 2.52
CA VAL I 163 19.68 9.73 2.69
C VAL I 163 21.03 10.15 3.19
N ALA J 2 -9.64 -3.39 11.33
CA ALA J 2 -9.88 -2.46 12.47
C ALA J 2 -9.55 -1.04 12.02
N LEU J 3 -8.28 -0.67 12.12
CA LEU J 3 -7.83 0.67 11.73
C LEU J 3 -8.09 0.90 10.24
N THR J 4 -8.45 2.12 9.89
CA THR J 4 -8.70 2.43 8.50
C THR J 4 -7.42 2.92 7.84
N ASN J 5 -7.34 2.72 6.53
CA ASN J 5 -6.21 3.12 5.73
C ASN J 5 -5.84 4.57 6.08
N ALA J 6 -6.85 5.42 6.17
CA ALA J 6 -6.63 6.83 6.48
C ALA J 6 -6.06 6.95 7.90
N GLN J 7 -6.52 6.11 8.80
CA GLN J 7 -6.02 6.16 10.16
C GLN J 7 -4.59 5.69 10.23
N ILE J 8 -4.27 4.67 9.43
CA ILE J 8 -2.91 4.14 9.39
C ILE J 8 -1.98 5.28 8.98
N LEU J 9 -2.24 5.82 7.78
CA LEU J 9 -1.44 6.90 7.22
C LEU J 9 -1.21 7.98 8.27
N ALA J 10 -2.24 8.24 9.06
CA ALA J 10 -2.16 9.24 10.12
C ALA J 10 -1.01 8.89 11.05
N VAL J 11 -0.95 7.62 11.38
CA VAL J 11 0.09 7.12 12.26
C VAL J 11 1.45 7.32 11.65
N ILE J 12 1.65 6.71 10.48
CA ILE J 12 2.92 6.82 9.78
C ILE J 12 3.41 8.26 9.80
N ASP J 13 2.53 9.19 9.43
CA ASP J 13 2.89 10.60 9.40
C ASP J 13 3.31 11.16 10.76
N SER J 14 2.59 10.83 11.82
CA SER J 14 2.97 11.32 13.13
C SER J 14 4.34 10.73 13.47
N TRP J 15 4.53 9.48 13.03
CA TRP J 15 5.79 8.78 13.24
C TRP J 15 6.93 9.60 12.62
N GLU J 16 6.91 9.69 11.28
CA GLU J 16 7.90 10.45 10.53
C GLU J 16 8.24 11.81 11.14
N GLU J 17 7.26 12.50 11.72
CA GLU J 17 7.54 13.81 12.31
C GLU J 17 8.44 13.68 13.51
N THR J 18 7.95 12.88 14.45
CA THR J 18 8.63 12.64 15.70
C THR J 18 10.02 12.16 15.43
N VAL J 19 10.11 11.17 14.55
CA VAL J 19 11.40 10.61 14.17
C VAL J 19 12.26 11.69 13.53
N GLY J 20 11.64 12.51 12.67
CA GLY J 20 12.36 13.58 11.98
C GLY J 20 13.17 14.46 12.88
N GLN J 21 12.84 14.49 14.16
CA GLN J 21 13.60 15.33 15.03
C GLN J 21 14.60 14.75 15.95
N PHE J 22 14.90 13.52 15.60
CA PHE J 22 15.95 12.79 16.28
C PHE J 22 17.26 13.44 15.77
N PRO J 23 18.29 13.45 16.60
CA PRO J 23 19.55 14.03 16.17
C PRO J 23 20.05 13.32 14.92
N VAL J 24 20.59 14.07 13.96
CA VAL J 24 21.11 13.49 12.73
C VAL J 24 22.60 13.24 12.84
N ILE J 25 23.02 12.02 12.47
CA ILE J 25 24.42 11.64 12.54
C ILE J 25 24.97 11.31 11.15
N THR J 26 26.08 11.95 10.82
CA THR J 26 26.75 11.77 9.54
C THR J 26 27.76 10.64 9.67
N HIS J 27 27.51 9.59 8.89
CA HIS J 27 28.40 8.44 8.90
C HIS J 27 29.03 8.15 7.52
N HIS J 28 30.33 7.86 7.54
CA HIS J 28 31.08 7.51 6.33
C HIS J 28 31.01 6.00 6.28
N VAL J 29 30.52 5.47 5.16
CA VAL J 29 30.47 4.01 5.07
C VAL J 29 31.05 3.53 3.75
N PRO J 30 31.63 2.33 3.78
CA PRO J 30 32.24 1.80 2.55
C PRO J 30 31.15 1.29 1.64
N LEU J 31 31.15 1.73 0.39
CA LEU J 31 30.08 1.27 -0.49
C LEU J 31 30.57 0.10 -1.28
N GLY J 32 31.88 -0.05 -1.28
CA GLY J 32 32.52 -1.12 -2.03
C GLY J 32 33.34 -0.51 -3.15
N GLY J 33 34.15 -1.34 -3.80
CA GLY J 33 34.97 -0.85 -4.88
C GLY J 33 35.97 0.16 -4.36
N GLY J 34 36.31 0.05 -3.08
CA GLY J 34 37.26 0.97 -2.47
C GLY J 34 36.74 2.39 -2.42
N LEU J 35 35.43 2.51 -2.53
CA LEU J 35 34.76 3.79 -2.52
C LEU J 35 34.06 4.05 -1.19
N GLN J 36 34.09 5.32 -0.79
CA GLN J 36 33.50 5.76 0.46
C GLN J 36 32.29 6.65 0.16
N GLY J 37 31.28 6.56 1.02
CA GLY J 37 30.10 7.39 0.86
C GLY J 37 29.70 8.02 2.18
N THR J 38 28.59 8.76 2.19
CA THR J 38 28.11 9.38 3.42
C THR J 38 26.63 9.09 3.65
N LEU J 39 26.27 8.86 4.91
CA LEU J 39 24.89 8.56 5.26
C LEU J 39 24.49 9.38 6.49
N HIS J 40 23.18 9.55 6.67
CA HIS J 40 22.68 10.34 7.77
C HIS J 40 21.62 9.56 8.53
N CYS J 41 21.98 9.13 9.74
CA CYS J 41 21.06 8.36 10.56
C CYS J 41 20.40 9.25 11.62
N TYR J 42 19.09 9.07 11.76
CA TYR J 42 18.29 9.79 12.74
C TYR J 42 18.18 8.85 13.93
N GLU J 43 19.18 8.91 14.81
CA GLU J 43 19.25 8.02 15.95
C GLU J 43 18.43 8.39 17.19
N ILE J 44 17.62 7.44 17.64
CA ILE J 44 16.77 7.60 18.82
C ILE J 44 17.69 7.80 20.02
N PRO J 45 17.27 8.64 20.98
CA PRO J 45 18.16 8.82 22.12
C PRO J 45 18.58 7.54 22.86
N LEU J 46 19.69 7.64 23.59
CA LEU J 46 20.17 6.46 24.32
C LEU J 46 19.31 6.10 25.54
N ALA J 47 18.78 7.14 26.20
CA ALA J 47 17.94 6.97 27.39
C ALA J 47 16.71 7.84 27.23
N ALA J 48 15.71 7.62 28.09
CA ALA J 48 14.46 8.36 28.09
C ALA J 48 14.74 9.81 28.45
N PRO J 49 14.00 10.72 27.84
CA PRO J 49 12.93 10.40 26.89
C PRO J 49 13.47 10.19 25.49
N TYR J 50 12.92 9.21 24.81
CA TYR J 50 13.37 8.91 23.45
C TYR J 50 12.62 9.75 22.48
N GLY J 51 11.29 9.77 22.63
CA GLY J 51 10.46 10.55 21.70
C GLY J 51 9.00 10.55 22.09
N VAL J 52 8.18 11.12 21.20
CA VAL J 52 6.75 11.18 21.52
C VAL J 52 6.03 9.85 21.09
N GLY J 53 5.88 8.97 22.13
CA GLY J 53 5.19 7.71 21.85
C GLY J 53 6.16 6.54 21.72
N PHE J 54 7.44 6.80 21.95
CA PHE J 54 8.49 5.80 21.85
C PHE J 54 8.94 5.30 23.21
N ALA J 55 9.17 4.00 23.31
CA ALA J 55 9.60 3.40 24.56
C ALA J 55 10.55 2.27 24.26
N LYS J 56 11.32 1.92 25.27
CA LYS J 56 12.31 0.89 25.12
C LYS J 56 11.95 -0.41 25.82
N ASN J 57 11.64 -1.42 25.01
CA ASN J 57 11.26 -2.73 25.51
C ASN J 57 12.48 -3.62 25.63
N GLY J 58 13.63 -3.13 25.17
CA GLY J 58 14.87 -3.89 25.23
C GLY J 58 16.07 -3.02 24.89
N PRO J 59 17.29 -3.43 25.28
CA PRO J 59 18.52 -2.69 25.02
C PRO J 59 18.57 -1.90 23.71
N THR J 60 18.29 -2.62 22.63
CA THR J 60 18.26 -2.01 21.31
C THR J 60 16.90 -2.33 20.73
N ARG J 61 15.86 -2.26 21.57
CA ARG J 61 14.50 -2.53 21.14
C ARG J 61 13.56 -1.43 21.62
N TRP J 62 12.66 -1.01 20.73
CA TRP J 62 11.70 0.05 21.03
C TRP J 62 10.32 -0.19 20.44
N GLN J 63 9.33 0.51 20.95
CA GLN J 63 7.98 0.38 20.45
C GLN J 63 7.29 1.73 20.31
N TYR J 64 6.44 1.87 19.28
CA TYR J 64 5.70 3.11 19.07
C TYR J 64 4.27 2.83 19.49
N LYS J 65 3.67 3.74 20.26
CA LYS J 65 2.32 3.50 20.71
C LYS J 65 1.41 4.73 20.53
N ARG J 66 0.23 4.50 19.92
CA ARG J 66 -0.73 5.56 19.67
C ARG J 66 -2.12 5.09 20.09
N THR J 67 -2.88 5.96 20.75
CA THR J 67 -4.23 5.65 21.17
C THR J 67 -5.17 6.18 20.08
N ILE J 68 -6.13 5.35 19.65
CA ILE J 68 -7.07 5.77 18.60
C ILE J 68 -8.47 5.27 18.93
N ASN J 69 -9.41 6.22 19.06
CA ASN J 69 -10.79 5.94 19.40
C ASN J 69 -10.86 5.08 20.65
N GLN J 70 -10.07 5.47 21.65
CA GLN J 70 -10.03 4.81 22.96
C GLN J 70 -9.39 3.43 22.99
N VAL J 71 -8.57 3.10 21.99
CA VAL J 71 -7.92 1.80 22.01
C VAL J 71 -6.43 2.04 21.74
N VAL J 72 -5.58 1.51 22.62
CA VAL J 72 -4.13 1.69 22.44
C VAL J 72 -3.57 0.72 21.38
N HIS J 73 -2.70 1.26 20.52
CA HIS J 73 -2.10 0.49 19.47
C HIS J 73 -0.63 0.60 19.59
N ARG J 74 0.04 -0.53 19.48
CA ARG J 74 1.51 -0.51 19.56
C ARG J 74 2.14 -1.35 18.44
N TRP J 75 3.30 -0.91 18.00
CA TRP J 75 4.03 -1.59 16.96
C TRP J 75 5.51 -1.41 17.24
N GLY J 76 6.30 -2.15 16.48
CA GLY J 76 7.74 -2.06 16.64
C GLY J 76 8.23 -0.74 16.09
N SER J 77 9.07 -0.04 16.84
CA SER J 77 9.59 1.27 16.44
C SER J 77 10.05 1.37 14.99
N HIS J 78 10.31 0.23 14.35
CA HIS J 78 10.75 0.26 12.96
C HIS J 78 9.76 -0.35 11.97
N THR J 79 8.64 -0.86 12.47
CA THR J 79 7.67 -1.52 11.59
C THR J 79 6.66 -0.59 10.91
N VAL J 80 6.46 0.58 11.52
CA VAL J 80 5.52 1.58 11.02
C VAL J 80 5.52 1.92 9.52
N PRO J 81 6.68 2.37 8.97
CA PRO J 81 6.72 2.71 7.56
C PRO J 81 6.09 1.65 6.65
N PHE J 82 6.01 0.42 7.14
CA PHE J 82 5.46 -0.64 6.29
C PHE J 82 4.19 -1.22 6.87
N LEU J 83 3.33 -0.31 7.36
CA LEU J 83 2.08 -0.80 7.93
C LEU J 83 1.03 -1.21 6.92
N LEU J 84 1.20 -0.72 5.71
CA LEU J 84 0.28 -1.02 4.63
C LEU J 84 0.75 -2.25 3.85
N GLU J 85 2.04 -2.54 3.89
CA GLU J 85 2.66 -3.68 3.20
C GLU J 85 2.26 -5.01 3.91
N PRO J 86 2.31 -6.16 3.20
CA PRO J 86 1.94 -7.47 3.78
C PRO J 86 2.89 -7.86 4.93
N ASP J 87 2.65 -9.02 5.53
CA ASP J 87 3.52 -9.46 6.63
C ASP J 87 4.17 -10.81 6.39
N ASN J 88 4.19 -11.23 5.14
CA ASN J 88 4.76 -12.50 4.73
C ASN J 88 4.91 -12.59 3.22
N ILE J 89 6.07 -13.05 2.79
CA ILE J 89 6.37 -13.22 1.38
C ILE J 89 6.77 -14.68 1.18
N ASN J 90 5.99 -15.41 0.38
CA ASN J 90 6.29 -16.81 0.15
C ASN J 90 6.23 -17.59 1.46
N GLY J 91 5.40 -17.14 2.39
CA GLY J 91 5.25 -17.85 3.64
C GLY J 91 6.23 -17.39 4.68
N LYS J 92 7.09 -16.45 4.25
CA LYS J 92 8.15 -15.93 5.16
C LYS J 92 7.80 -14.60 5.81
N THR J 93 7.76 -14.59 7.14
CA THR J 93 7.45 -13.38 7.90
C THR J 93 8.45 -12.26 7.56
N CYS J 94 7.93 -11.06 7.31
CA CYS J 94 8.74 -9.90 6.97
C CYS J 94 9.02 -9.08 8.21
N THR J 95 10.16 -8.40 8.21
CA THR J 95 10.58 -7.57 9.31
C THR J 95 11.19 -6.30 8.75
N ALA J 96 11.71 -5.46 9.62
CA ALA J 96 12.29 -4.21 9.16
C ALA J 96 13.80 -4.40 9.12
N SER J 97 14.42 -4.16 7.98
CA SER J 97 15.87 -4.34 7.83
C SER J 97 16.63 -3.04 7.71
N HIS J 98 17.64 -2.84 8.56
CA HIS J 98 18.46 -1.63 8.51
C HIS J 98 19.42 -1.78 7.34
N LEU J 99 19.42 -0.78 6.48
CA LEU J 99 20.28 -0.78 5.32
C LEU J 99 21.56 -0.04 5.72
N CYS J 100 21.54 0.57 6.90
CA CYS J 100 22.68 1.31 7.42
C CYS J 100 23.31 0.50 8.54
N HIS J 101 22.64 -0.56 8.93
CA HIS J 101 23.13 -1.44 9.99
C HIS J 101 23.28 -0.67 11.30
N ASN J 102 22.37 0.27 11.53
CA ASN J 102 22.38 1.08 12.75
C ASN J 102 21.03 1.02 13.43
N THR J 103 20.93 0.22 14.48
CA THR J 103 19.68 0.04 15.22
C THR J 103 19.00 1.33 15.66
N ARG J 104 19.73 2.13 16.43
CA ARG J 104 19.23 3.39 16.94
C ARG J 104 18.64 4.28 15.84
N CYS J 105 19.17 4.15 14.63
CA CYS J 105 18.69 4.94 13.50
C CYS J 105 17.24 4.56 13.20
N HIS J 106 16.43 5.51 12.75
CA HIS J 106 15.02 5.26 12.43
C HIS J 106 14.61 5.91 11.12
N ASN J 107 15.59 6.36 10.35
CA ASN J 107 15.34 7.00 9.08
C ASN J 107 14.76 5.93 8.13
N PRO J 108 13.51 6.11 7.69
CA PRO J 108 12.86 5.14 6.79
C PRO J 108 13.60 4.95 5.46
N LEU J 109 14.43 5.93 5.11
CA LEU J 109 15.20 5.85 3.88
C LEU J 109 16.30 4.81 4.03
N HIS J 110 16.59 4.45 5.28
CA HIS J 110 17.59 3.44 5.60
C HIS J 110 16.89 2.21 6.14
N LEU J 111 15.75 1.86 5.57
CA LEU J 111 15.02 0.69 6.05
C LEU J 111 14.31 -0.04 4.93
N CYS J 112 13.88 -1.27 5.21
CA CYS J 112 13.15 -2.08 4.25
C CYS J 112 12.40 -3.25 4.88
N TRP J 113 11.40 -3.73 4.14
CA TRP J 113 10.55 -4.83 4.56
C TRP J 113 10.99 -6.11 3.83
N GLU J 114 11.68 -6.99 4.54
CA GLU J 114 12.15 -8.23 3.94
C GLU J 114 12.27 -9.33 4.95
N SER J 115 12.36 -10.56 4.47
CA SER J 115 12.47 -11.72 5.34
C SER J 115 13.69 -11.63 6.25
N ALA J 116 13.74 -12.52 7.23
CA ALA J 116 14.85 -12.55 8.18
C ALA J 116 16.15 -12.98 7.51
N ASP J 117 16.05 -13.82 6.48
CA ASP J 117 17.20 -14.31 5.75
C ASP J 117 17.79 -13.20 4.88
N ASP J 118 16.96 -12.56 4.06
CA ASP J 118 17.44 -11.47 3.21
C ASP J 118 18.08 -10.37 4.06
N ASN J 119 17.52 -10.13 5.23
CA ASN J 119 18.03 -9.10 6.12
C ASN J 119 19.46 -9.43 6.53
N LYS J 120 19.67 -10.65 7.02
CA LYS J 120 20.99 -11.10 7.44
C LYS J 120 22.01 -11.08 6.33
N GLY J 121 21.57 -11.51 5.15
CA GLY J 121 22.44 -11.56 4.00
C GLY J 121 23.18 -10.27 3.76
N ARG J 122 22.46 -9.16 3.80
CA ARG J 122 23.09 -7.86 3.59
C ARG J 122 24.35 -7.71 4.44
N ASN J 123 24.43 -8.45 5.54
CA ASN J 123 25.57 -8.36 6.43
C ASN J 123 26.91 -8.62 5.73
N TRP J 124 26.88 -9.49 4.73
CA TRP J 124 28.09 -9.86 4.01
C TRP J 124 28.12 -9.35 2.57
N CYS J 125 27.20 -8.46 2.23
CA CYS J 125 27.13 -7.90 0.88
C CYS J 125 28.32 -6.99 0.57
N PRO J 126 28.93 -7.15 -0.62
CA PRO J 126 30.08 -6.35 -1.03
C PRO J 126 29.80 -4.86 -1.07
N GLY J 127 28.53 -4.51 -1.19
CA GLY J 127 28.17 -3.10 -1.26
C GLY J 127 27.61 -2.77 -2.63
N PRO J 128 26.96 -1.61 -2.81
CA PRO J 128 26.38 -1.23 -4.09
C PRO J 128 27.48 -0.94 -5.10
N ASN J 129 28.66 -0.63 -4.59
CA ASN J 129 29.82 -0.33 -5.41
C ASN J 129 30.79 -1.52 -5.47
N GLY J 130 30.53 -2.53 -4.66
CA GLY J 130 31.38 -3.70 -4.65
C GLY J 130 30.80 -4.79 -5.53
N GLY J 131 29.54 -4.61 -5.94
CA GLY J 131 28.88 -5.58 -6.78
C GLY J 131 27.57 -6.12 -6.24
N CYS J 132 26.92 -5.37 -5.35
CA CYS J 132 25.64 -5.81 -4.77
C CYS J 132 24.63 -6.20 -5.84
N VAL J 133 23.87 -7.26 -5.58
CA VAL J 133 22.86 -7.72 -6.54
C VAL J 133 21.46 -7.75 -5.92
N HIS J 134 21.34 -7.19 -4.72
CA HIS J 134 20.06 -7.16 -4.03
C HIS J 134 19.03 -6.41 -4.86
N ALA J 135 17.84 -6.97 -4.96
CA ALA J 135 16.76 -6.31 -5.71
C ALA J 135 16.61 -4.88 -5.21
N VAL J 136 16.57 -4.72 -3.89
CA VAL J 136 16.48 -3.39 -3.28
C VAL J 136 17.93 -3.16 -2.86
N VAL J 137 18.69 -2.53 -3.74
CA VAL J 137 20.10 -2.25 -3.47
C VAL J 137 20.45 -1.84 -2.04
N CYS J 138 21.69 -2.14 -1.68
CA CYS J 138 22.26 -1.86 -0.36
C CYS J 138 22.71 -0.39 -0.42
N LEU J 139 22.77 0.33 0.71
CA LEU J 139 23.30 1.71 0.65
C LEU J 139 24.70 1.67 1.19
N ARG J 140 25.11 0.48 1.62
CA ARG J 140 26.45 0.31 2.13
C ARG J 140 26.84 -1.16 2.09
N GLN J 141 28.15 -1.41 2.11
CA GLN J 141 28.68 -2.76 2.10
C GLN J 141 28.58 -3.39 3.50
N GLY J 142 28.17 -4.65 3.56
CA GLY J 142 28.04 -5.33 4.84
C GLY J 142 29.20 -5.03 5.76
N PRO J 143 28.97 -5.08 7.08
CA PRO J 143 30.04 -4.81 8.04
C PRO J 143 30.83 -6.08 8.29
N LEU J 144 30.43 -7.15 7.63
CA LEU J 144 31.09 -8.43 7.80
C LEU J 144 31.78 -8.93 6.53
N TYR J 145 31.59 -8.19 5.44
CA TYR J 145 32.21 -8.55 4.17
C TYR J 145 33.70 -8.58 4.38
N GLY J 146 34.34 -9.58 3.77
CA GLY J 146 35.78 -9.73 3.90
C GLY J 146 36.21 -11.15 3.59
N PRO J 147 37.51 -11.47 3.68
CA PRO J 147 38.01 -12.82 3.40
C PRO J 147 37.84 -13.74 4.59
N GLY J 148 37.67 -13.14 5.75
CA GLY J 148 37.48 -13.91 6.97
C GLY J 148 38.79 -14.21 7.65
N ALA J 149 38.72 -14.95 8.76
CA ALA J 149 39.90 -15.33 9.51
C ALA J 149 39.89 -16.85 9.72
N THR J 150 39.37 -17.60 8.71
CA THR J 150 39.32 -19.06 8.80
C THR J 150 40.66 -19.58 9.24
N VAL J 151 40.63 -20.45 10.24
CA VAL J 151 41.84 -21.03 10.76
C VAL J 151 42.42 -22.16 9.90
N ALA J 152 41.65 -23.23 9.71
CA ALA J 152 42.12 -24.38 8.93
C ALA J 152 41.23 -24.67 7.73
N GLY J 153 41.84 -25.02 6.59
CA GLY J 153 41.10 -25.32 5.39
C GLY J 153 40.80 -26.81 5.28
N PRO J 154 40.13 -27.26 4.20
CA PRO J 154 39.83 -28.68 4.06
C PRO J 154 41.14 -29.44 3.87
N GLN J 155 41.19 -30.66 4.37
CA GLN J 155 42.39 -31.46 4.27
C GLN J 155 42.16 -32.85 4.86
N GLN J 156 42.79 -33.84 4.23
CA GLN J 156 42.69 -35.20 4.69
C GLN J 156 44.12 -35.63 4.87
N ARG J 157 44.32 -36.58 5.77
CA ARG J 157 45.64 -37.10 6.07
C ARG J 157 45.95 -38.24 5.14
N GLY J 158 45.01 -39.17 5.04
CA GLY J 158 45.18 -40.30 4.17
C GLY J 158 44.89 -39.89 2.74
N SER J 159 43.95 -40.61 2.12
CA SER J 159 43.55 -40.33 0.76
C SER J 159 42.29 -41.12 0.47
N HIS J 160 41.46 -41.20 1.51
CA HIS J 160 40.19 -41.91 1.49
C HIS J 160 39.13 -41.06 0.80
N PHE J 161 39.45 -39.79 0.52
CA PHE J 161 38.49 -38.88 -0.11
C PHE J 161 38.94 -38.08 -1.33
N VAL J 162 37.94 -37.57 -2.05
CA VAL J 162 38.13 -36.74 -3.24
C VAL J 162 37.08 -35.64 -3.12
N VAL J 163 37.18 -34.61 -3.94
CA VAL J 163 36.20 -33.52 -3.89
C VAL J 163 35.03 -33.77 -4.84
N ALA K 2 -3.51 -13.05 0.21
CA ALA K 2 -4.15 -14.06 1.11
C ALA K 2 -4.95 -15.04 0.27
N LEU K 3 -6.21 -14.70 0.00
CA LEU K 3 -7.07 -15.55 -0.80
C LEU K 3 -6.45 -15.78 -2.18
N THR K 4 -6.67 -16.96 -2.72
CA THR K 4 -6.12 -17.25 -4.05
C THR K 4 -7.15 -16.94 -5.09
N ASN K 5 -6.65 -16.67 -6.27
CA ASN K 5 -7.47 -16.36 -7.40
C ASN K 5 -8.54 -17.44 -7.53
N ALA K 6 -8.14 -18.69 -7.35
CA ALA K 6 -9.11 -19.75 -7.45
C ALA K 6 -10.14 -19.62 -6.35
N GLN K 7 -9.69 -19.26 -5.14
CA GLN K 7 -10.59 -19.08 -4.02
C GLN K 7 -11.56 -17.94 -4.27
N ILE K 8 -11.04 -16.83 -4.81
CA ILE K 8 -11.88 -15.68 -5.10
C ILE K 8 -13.03 -16.07 -6.02
N LEU K 9 -12.69 -16.62 -7.18
CA LEU K 9 -13.70 -17.03 -8.15
C LEU K 9 -14.75 -17.90 -7.51
N ALA K 10 -14.32 -18.70 -6.54
CA ALA K 10 -15.19 -19.59 -5.82
C ALA K 10 -16.29 -18.78 -5.14
N VAL K 11 -15.86 -17.71 -4.48
CA VAL K 11 -16.78 -16.82 -3.80
C VAL K 11 -17.73 -16.23 -4.84
N ILE K 12 -17.19 -15.47 -5.78
CA ILE K 12 -18.03 -14.86 -6.81
C ILE K 12 -19.11 -15.81 -7.29
N ASP K 13 -18.73 -17.05 -7.56
CA ASP K 13 -19.68 -18.04 -8.06
C ASP K 13 -20.75 -18.36 -7.05
N SER K 14 -20.35 -18.51 -5.79
CA SER K 14 -21.31 -18.83 -4.74
C SER K 14 -22.28 -17.68 -4.61
N TRP K 15 -21.75 -16.47 -4.80
CA TRP K 15 -22.54 -15.23 -4.72
C TRP K 15 -23.61 -15.27 -5.81
N GLU K 16 -23.17 -15.21 -7.07
CA GLU K 16 -24.05 -15.23 -8.25
C GLU K 16 -25.17 -16.26 -8.13
N GLU K 17 -24.85 -17.37 -7.48
CA GLU K 17 -25.77 -18.47 -7.28
C GLU K 17 -26.90 -18.05 -6.34
N THR K 18 -26.51 -17.62 -5.13
CA THR K 18 -27.46 -17.18 -4.10
C THR K 18 -28.26 -15.98 -4.59
N VAL K 19 -27.57 -15.05 -5.23
CA VAL K 19 -28.20 -13.85 -5.77
C VAL K 19 -29.17 -14.23 -6.87
N GLY K 20 -28.82 -15.22 -7.67
CA GLY K 20 -29.69 -15.65 -8.75
C GLY K 20 -31.11 -16.03 -8.34
N GLN K 21 -31.31 -16.38 -7.07
CA GLN K 21 -32.64 -16.79 -6.60
C GLN K 21 -33.46 -15.71 -5.99
N PHE K 22 -32.90 -14.51 -5.98
CA PHE K 22 -33.62 -13.39 -5.44
C PHE K 22 -34.77 -13.19 -6.42
N PRO K 23 -35.93 -12.76 -5.91
CA PRO K 23 -37.09 -12.54 -6.77
C PRO K 23 -36.74 -11.57 -7.87
N VAL K 24 -37.26 -11.81 -9.07
CA VAL K 24 -36.95 -10.95 -10.18
C VAL K 24 -38.06 -9.94 -10.41
N ILE K 25 -37.67 -8.68 -10.57
CA ILE K 25 -38.65 -7.62 -10.78
C ILE K 25 -38.47 -6.95 -12.13
N THR K 26 -39.58 -6.82 -12.85
CA THR K 26 -39.59 -6.21 -14.17
C THR K 26 -39.91 -4.75 -14.05
N HIS K 27 -38.95 -3.92 -14.45
CA HIS K 27 -39.09 -2.48 -14.38
C HIS K 27 -39.01 -1.81 -15.74
N HIS K 28 -39.92 -0.88 -15.99
CA HIS K 28 -39.92 -0.14 -17.24
C HIS K 28 -39.13 1.13 -16.95
N VAL K 29 -38.09 1.36 -17.72
CA VAL K 29 -37.31 2.56 -17.47
C VAL K 29 -37.13 3.35 -18.74
N PRO K 30 -37.00 4.68 -18.61
CA PRO K 30 -36.80 5.54 -19.78
C PRO K 30 -35.33 5.44 -20.22
N LEU K 31 -35.09 5.13 -21.49
CA LEU K 31 -33.71 5.01 -21.98
C LEU K 31 -33.30 6.35 -22.58
N GLY K 32 -34.30 7.18 -22.86
CA GLY K 32 -34.04 8.49 -23.43
C GLY K 32 -34.62 8.55 -24.83
N GLY K 33 -34.60 9.73 -25.43
CA GLY K 33 -35.15 9.87 -26.78
C GLY K 33 -36.63 9.53 -26.79
N GLY K 34 -37.27 9.62 -25.64
CA GLY K 34 -38.69 9.31 -25.55
C GLY K 34 -38.97 7.84 -25.70
N LEU K 35 -37.94 7.02 -25.49
CA LEU K 35 -38.05 5.58 -25.61
C LEU K 35 -38.07 4.91 -24.24
N GLN K 36 -38.85 3.84 -24.18
CA GLN K 36 -39.00 3.03 -22.97
C GLN K 36 -38.34 1.67 -23.18
N GLY K 37 -37.82 1.11 -22.11
CA GLY K 37 -37.19 -0.19 -22.17
C GLY K 37 -37.61 -1.02 -20.98
N THR K 38 -37.05 -2.23 -20.85
CA THR K 38 -37.39 -3.07 -19.72
C THR K 38 -36.15 -3.63 -19.07
N LEU K 39 -36.18 -3.73 -17.73
CA LEU K 39 -35.06 -4.23 -16.96
C LEU K 39 -35.57 -5.26 -15.95
N HIS K 40 -34.67 -6.13 -15.48
CA HIS K 40 -35.05 -7.13 -14.49
C HIS K 40 -34.05 -7.06 -13.35
N CYS K 41 -34.51 -6.64 -12.18
CA CYS K 41 -33.63 -6.55 -11.04
C CYS K 41 -33.87 -7.71 -10.09
N TYR K 42 -32.77 -8.23 -9.55
CA TYR K 42 -32.83 -9.34 -8.60
C TYR K 42 -32.69 -8.65 -7.26
N GLU K 43 -33.84 -8.30 -6.68
CA GLU K 43 -33.89 -7.58 -5.42
C GLU K 43 -33.82 -8.39 -4.15
N ILE K 44 -32.87 -8.03 -3.29
CA ILE K 44 -32.68 -8.71 -2.01
C ILE K 44 -33.95 -8.48 -1.18
N PRO K 45 -34.36 -9.47 -0.37
CA PRO K 45 -35.56 -9.26 0.43
C PRO K 45 -35.51 -7.98 1.25
N LEU K 46 -36.68 -7.54 1.74
CA LEU K 46 -36.78 -6.34 2.56
C LEU K 46 -36.27 -6.63 3.96
N ALA K 47 -36.55 -7.83 4.41
CA ALA K 47 -36.13 -8.24 5.73
C ALA K 47 -35.55 -9.66 5.71
N ALA K 48 -34.95 -10.03 6.84
CA ALA K 48 -34.34 -11.35 7.00
C ALA K 48 -35.40 -12.42 6.91
N PRO K 49 -35.03 -13.57 6.36
CA PRO K 49 -33.65 -13.82 5.91
C PRO K 49 -33.51 -13.28 4.48
N TYR K 50 -32.37 -12.64 4.23
CA TYR K 50 -32.11 -12.05 2.93
C TYR K 50 -31.59 -13.09 1.99
N GLY K 51 -30.62 -13.87 2.46
CA GLY K 51 -30.02 -14.88 1.63
C GLY K 51 -28.96 -15.63 2.40
N VAL K 52 -28.19 -16.41 1.66
CA VAL K 52 -27.12 -17.24 2.22
C VAL K 52 -25.85 -16.45 2.39
N GLY K 53 -25.58 -16.02 3.61
CA GLY K 53 -24.36 -15.27 3.87
C GLY K 53 -24.53 -13.78 3.66
N PHE K 54 -25.79 -13.36 3.59
CA PHE K 54 -26.13 -11.95 3.39
C PHE K 54 -26.72 -11.38 4.68
N ALA K 55 -26.36 -10.14 4.97
CA ALA K 55 -26.85 -9.48 6.16
C ALA K 55 -26.99 -8.01 5.89
N LYS K 56 -27.77 -7.34 6.72
CA LYS K 56 -28.00 -5.94 6.55
C LYS K 56 -27.29 -5.13 7.63
N ASN K 57 -26.30 -4.37 7.21
CA ASN K 57 -25.54 -3.54 8.12
C ASN K 57 -26.15 -2.14 8.20
N GLY K 58 -27.15 -1.90 7.34
CA GLY K 58 -27.82 -0.60 7.32
C GLY K 58 -29.10 -0.66 6.50
N PRO K 59 -29.96 0.37 6.59
CA PRO K 59 -31.23 0.45 5.86
C PRO K 59 -31.19 -0.13 4.45
N THR K 60 -30.26 0.38 3.65
CA THR K 60 -30.06 -0.04 2.27
C THR K 60 -28.60 -0.47 2.13
N ARG K 61 -28.10 -1.18 3.14
CA ARG K 61 -26.72 -1.66 3.15
C ARG K 61 -26.69 -3.13 3.55
N TRP K 62 -25.87 -3.91 2.86
CA TRP K 62 -25.75 -5.34 3.12
C TRP K 62 -24.31 -5.79 2.91
N GLN K 63 -23.98 -6.93 3.50
CA GLN K 63 -22.64 -7.52 3.39
C GLN K 63 -22.69 -9.01 3.14
N TYR K 64 -21.74 -9.51 2.35
CA TYR K 64 -21.63 -10.93 2.04
C TYR K 64 -20.47 -11.46 2.85
N LYS K 65 -20.67 -12.59 3.52
CA LYS K 65 -19.61 -13.15 4.35
C LYS K 65 -19.41 -14.64 4.15
N ARG K 66 -18.16 -15.04 3.93
CA ARG K 66 -17.83 -16.44 3.71
C ARG K 66 -16.63 -16.84 4.55
N THR K 67 -16.68 -18.03 5.12
CA THR K 67 -15.56 -18.54 5.91
C THR K 67 -14.72 -19.39 5.00
N ILE K 68 -13.41 -19.23 5.10
CA ILE K 68 -12.47 -19.97 4.27
C ILE K 68 -11.21 -20.34 5.06
N ASN K 69 -10.97 -21.64 5.18
CA ASN K 69 -9.84 -22.18 5.90
C ASN K 69 -9.83 -21.60 7.29
N GLN K 70 -11.02 -21.63 7.88
CA GLN K 70 -11.30 -21.14 9.22
C GLN K 70 -10.99 -19.67 9.52
N VAL K 71 -11.22 -18.84 8.50
CA VAL K 71 -11.10 -17.39 8.62
C VAL K 71 -12.28 -16.80 7.86
N VAL K 72 -13.05 -15.99 8.56
CA VAL K 72 -14.23 -15.31 8.01
C VAL K 72 -13.82 -14.17 7.08
N HIS K 73 -14.57 -14.00 6.02
CA HIS K 73 -14.28 -12.95 5.07
C HIS K 73 -15.58 -12.24 4.79
N ARG K 74 -15.56 -10.93 4.84
CA ARG K 74 -16.76 -10.17 4.56
C ARG K 74 -16.46 -9.05 3.58
N TRP K 75 -17.43 -8.77 2.73
CA TRP K 75 -17.31 -7.71 1.73
C TRP K 75 -18.67 -7.08 1.58
N GLY K 76 -18.74 -6.01 0.78
CA GLY K 76 -20.00 -5.35 0.55
C GLY K 76 -20.83 -6.14 -0.43
N SER K 77 -22.07 -6.41 -0.08
CA SER K 77 -22.96 -7.20 -0.92
C SER K 77 -22.89 -6.88 -2.41
N HIS K 78 -22.35 -5.73 -2.80
CA HIS K 78 -22.26 -5.41 -4.22
C HIS K 78 -20.83 -5.33 -4.73
N THR K 79 -19.85 -5.52 -3.86
CA THR K 79 -18.44 -5.45 -4.28
C THR K 79 -17.86 -6.73 -4.90
N VAL K 80 -18.45 -7.88 -4.54
CA VAL K 80 -17.98 -9.17 -5.01
C VAL K 80 -17.63 -9.31 -6.51
N PRO K 81 -18.61 -9.06 -7.41
CA PRO K 81 -18.35 -9.18 -8.84
C PRO K 81 -17.03 -8.57 -9.31
N PHE K 82 -16.51 -7.61 -8.56
CA PHE K 82 -15.28 -6.96 -8.93
C PHE K 82 -14.17 -7.17 -7.90
N LEU K 83 -13.99 -8.41 -7.46
CA LEU K 83 -12.96 -8.74 -6.46
C LEU K 83 -11.57 -8.94 -7.04
N LEU K 84 -11.51 -9.10 -8.35
CA LEU K 84 -10.24 -9.30 -9.03
C LEU K 84 -9.75 -7.97 -9.56
N GLU K 85 -10.68 -7.04 -9.73
CA GLU K 85 -10.32 -5.76 -10.25
C GLU K 85 -9.67 -4.91 -9.21
N PRO K 86 -9.00 -3.84 -9.65
CA PRO K 86 -8.31 -2.92 -8.74
C PRO K 86 -9.30 -2.21 -7.84
N ASP K 87 -8.80 -1.40 -6.90
CA ASP K 87 -9.63 -0.65 -5.96
C ASP K 87 -9.40 0.87 -6.04
N ASN K 88 -8.78 1.30 -7.13
CA ASN K 88 -8.50 2.70 -7.37
C ASN K 88 -8.05 2.98 -8.79
N ILE K 89 -8.61 4.02 -9.39
CA ILE K 89 -8.27 4.46 -10.73
C ILE K 89 -7.84 5.94 -10.67
N ASN K 90 -6.60 6.21 -11.09
CA ASN K 90 -6.06 7.57 -11.05
C ASN K 90 -6.08 8.09 -9.61
N GLY K 91 -5.90 7.17 -8.68
CA GLY K 91 -5.88 7.54 -7.27
C GLY K 91 -7.25 7.62 -6.64
N LYS K 92 -8.28 7.37 -7.44
CA LYS K 92 -9.66 7.42 -6.96
C LYS K 92 -10.22 6.06 -6.56
N THR K 93 -10.69 5.95 -5.33
CA THR K 93 -11.27 4.72 -4.84
C THR K 93 -12.49 4.36 -5.68
N CYS K 94 -12.56 3.10 -6.09
CA CYS K 94 -13.69 2.65 -6.88
C CYS K 94 -14.72 1.99 -5.98
N THR K 95 -15.96 1.99 -6.43
CA THR K 95 -17.04 1.37 -5.67
C THR K 95 -17.94 0.69 -6.70
N ALA K 96 -19.06 0.14 -6.26
CA ALA K 96 -20.03 -0.52 -7.14
C ALA K 96 -21.10 0.53 -7.51
N SER K 97 -21.37 0.75 -8.80
CA SER K 97 -22.33 1.78 -9.18
C SER K 97 -23.53 1.06 -9.84
N HIS K 98 -24.76 1.26 -9.34
CA HIS K 98 -25.93 0.65 -9.95
C HIS K 98 -26.31 1.38 -11.21
N LEU K 99 -26.51 0.58 -12.27
CA LEU K 99 -26.88 1.10 -13.56
C LEU K 99 -28.40 1.15 -13.68
N CYS K 100 -29.08 0.52 -12.74
CA CYS K 100 -30.56 0.51 -12.71
C CYS K 100 -31.02 1.47 -11.61
N HIS K 101 -30.06 1.92 -10.79
CA HIS K 101 -30.35 2.84 -9.72
C HIS K 101 -31.29 2.21 -8.69
N ASN K 102 -31.14 0.90 -8.48
CA ASN K 102 -31.99 0.18 -7.52
C ASN K 102 -31.12 -0.57 -6.52
N THR K 103 -30.97 -0.03 -5.32
CA THR K 103 -30.14 -0.63 -4.29
C THR K 103 -30.40 -2.10 -4.01
N ARG K 104 -31.65 -2.43 -3.70
CA ARG K 104 -32.01 -3.81 -3.40
C ARG K 104 -31.58 -4.82 -4.46
N CYS K 105 -31.47 -4.36 -5.70
CA CYS K 105 -31.08 -5.17 -6.84
C CYS K 105 -29.61 -5.57 -6.70
N HIS K 106 -29.28 -6.80 -7.09
CA HIS K 106 -27.91 -7.31 -6.99
C HIS K 106 -27.46 -8.00 -8.28
N ASN K 107 -28.22 -7.81 -9.34
CA ASN K 107 -27.91 -8.38 -10.64
C ASN K 107 -26.63 -7.72 -11.16
N PRO K 108 -25.52 -8.48 -11.26
CA PRO K 108 -24.23 -7.95 -11.73
C PRO K 108 -24.31 -7.33 -13.11
N LEU K 109 -25.36 -7.66 -13.86
CA LEU K 109 -25.50 -7.11 -15.19
C LEU K 109 -25.92 -5.64 -15.10
N HIS K 110 -26.39 -5.24 -13.94
CA HIS K 110 -26.83 -3.88 -13.67
C HIS K 110 -25.83 -3.24 -12.70
N LEU K 111 -24.56 -3.59 -12.81
CA LEU K 111 -23.56 -3.03 -11.90
C LEU K 111 -22.24 -2.70 -12.61
N CYS K 112 -21.37 -1.96 -11.92
CA CYS K 112 -20.08 -1.59 -12.48
C CYS K 112 -19.15 -1.03 -11.40
N TRP K 113 -17.86 -1.05 -11.70
CA TRP K 113 -16.82 -0.61 -10.78
C TRP K 113 -16.30 0.74 -11.27
N GLU K 114 -16.66 1.82 -10.57
CA GLU K 114 -16.22 3.17 -10.95
C GLU K 114 -16.13 4.12 -9.75
N SER K 115 -15.40 5.21 -9.94
CA SER K 115 -15.24 6.19 -8.86
C SER K 115 -16.58 6.68 -8.34
N ALA K 116 -16.53 7.46 -7.27
CA ALA K 116 -17.75 7.98 -6.66
C ALA K 116 -18.38 9.05 -7.53
N ASP K 117 -17.54 9.83 -8.22
CA ASP K 117 -18.03 10.90 -9.07
C ASP K 117 -18.75 10.34 -10.27
N ASP K 118 -18.08 9.45 -10.99
CA ASP K 118 -18.67 8.83 -12.15
C ASP K 118 -20.01 8.25 -11.78
N ASN K 119 -20.06 7.55 -10.65
CA ASN K 119 -21.29 6.93 -10.19
C ASN K 119 -22.43 7.97 -10.11
N LYS K 120 -22.15 9.06 -9.41
CA LYS K 120 -23.12 10.13 -9.24
C LYS K 120 -23.59 10.70 -10.56
N GLY K 121 -22.62 10.95 -11.43
CA GLY K 121 -22.91 11.51 -12.73
C GLY K 121 -23.99 10.81 -13.51
N ARG K 122 -24.05 9.49 -13.37
CA ARG K 122 -25.07 8.74 -14.10
C ARG K 122 -26.46 9.22 -13.71
N ASN K 123 -26.55 9.81 -12.50
CA ASN K 123 -27.83 10.29 -11.99
C ASN K 123 -28.53 11.29 -12.91
N TRP K 124 -27.73 12.07 -13.64
CA TRP K 124 -28.25 13.07 -14.56
C TRP K 124 -28.02 12.76 -16.04
N CYS K 125 -27.62 11.52 -16.35
CA CYS K 125 -27.39 11.14 -17.74
C CYS K 125 -28.68 11.00 -18.52
N PRO K 126 -28.71 11.58 -19.74
CA PRO K 126 -29.87 11.55 -20.62
C PRO K 126 -30.39 10.18 -20.93
N GLY K 127 -29.50 9.20 -20.81
CA GLY K 127 -29.86 7.82 -21.10
C GLY K 127 -29.12 7.35 -22.34
N PRO K 128 -29.11 6.03 -22.59
CA PRO K 128 -28.42 5.46 -23.75
C PRO K 128 -29.11 5.86 -25.05
N ASN K 129 -30.38 6.24 -24.95
CA ASN K 129 -31.16 6.64 -26.11
C ASN K 129 -31.34 8.14 -26.09
N GLY K 130 -30.85 8.78 -25.02
CA GLY K 130 -31.00 10.22 -24.92
C GLY K 130 -29.72 10.88 -25.36
N GLY K 131 -28.63 10.13 -25.40
CA GLY K 131 -27.36 10.69 -25.80
C GLY K 131 -26.20 10.42 -24.86
N CYS K 132 -26.30 9.34 -24.08
CA CYS K 132 -25.26 8.96 -23.14
C CYS K 132 -23.88 8.84 -23.80
N VAL K 133 -22.84 9.31 -23.12
CA VAL K 133 -21.48 9.24 -23.66
C VAL K 133 -20.59 8.49 -22.68
N HIS K 134 -21.20 7.88 -21.66
CA HIS K 134 -20.40 7.13 -20.69
C HIS K 134 -19.65 5.96 -21.37
N ALA K 135 -18.36 5.80 -21.08
CA ALA K 135 -17.56 4.70 -21.62
C ALA K 135 -18.33 3.39 -21.52
N VAL K 136 -18.79 3.12 -20.31
CA VAL K 136 -19.57 1.94 -20.06
C VAL K 136 -21.00 2.51 -20.09
N VAL K 137 -21.66 2.35 -21.24
CA VAL K 137 -23.02 2.87 -21.45
C VAL K 137 -23.96 2.65 -20.28
N CYS K 138 -24.94 3.53 -20.17
CA CYS K 138 -25.97 3.47 -19.13
C CYS K 138 -27.03 2.47 -19.59
N LEU K 139 -27.73 1.88 -18.64
CA LEU K 139 -28.81 0.92 -18.98
C LEU K 139 -30.13 1.69 -18.98
N ARG K 140 -30.09 2.90 -18.43
CA ARG K 140 -31.28 3.74 -18.32
C ARG K 140 -30.86 5.18 -18.12
N GLN K 141 -31.80 6.09 -18.40
CA GLN K 141 -31.59 7.52 -18.23
C GLN K 141 -31.64 7.87 -16.76
N GLY K 142 -30.78 8.79 -16.32
CA GLY K 142 -30.74 9.18 -14.93
C GLY K 142 -32.12 9.48 -14.39
N PRO K 143 -32.36 9.25 -13.11
CA PRO K 143 -33.68 9.53 -12.55
C PRO K 143 -33.82 11.01 -12.16
N LEU K 144 -32.74 11.76 -12.42
CA LEU K 144 -32.68 13.17 -12.09
C LEU K 144 -32.51 14.03 -13.34
N TYR K 145 -32.46 13.37 -14.50
CA TYR K 145 -32.31 14.11 -15.74
C TYR K 145 -33.55 14.95 -15.92
N GLY K 146 -33.36 16.19 -16.37
CA GLY K 146 -34.49 17.08 -16.59
C GLY K 146 -34.05 18.52 -16.68
N PRO K 147 -35.02 19.45 -16.79
CA PRO K 147 -34.67 20.86 -16.89
C PRO K 147 -34.51 21.50 -15.51
N GLY K 148 -35.03 20.78 -14.51
CA GLY K 148 -34.93 21.27 -13.15
C GLY K 148 -36.09 22.16 -12.74
N ALA K 149 -36.01 22.68 -11.52
CA ALA K 149 -37.04 23.56 -11.00
C ALA K 149 -36.39 24.84 -10.43
N THR K 150 -35.28 25.23 -11.05
CA THR K 150 -34.54 26.44 -10.63
C THR K 150 -35.51 27.59 -10.45
N VAL K 151 -35.40 28.25 -9.30
CA VAL K 151 -36.28 29.36 -8.95
C VAL K 151 -35.95 30.71 -9.61
N ALA K 152 -34.75 31.24 -9.36
CA ALA K 152 -34.34 32.53 -9.93
C ALA K 152 -33.03 32.39 -10.72
N GLY K 153 -32.99 32.99 -11.91
CA GLY K 153 -31.81 32.95 -12.77
C GLY K 153 -30.79 34.02 -12.48
N PRO K 154 -29.69 34.07 -13.26
CA PRO K 154 -28.72 35.12 -12.95
C PRO K 154 -29.32 36.47 -13.32
N GLN K 155 -29.02 37.47 -12.49
CA GLN K 155 -29.53 38.83 -12.68
C GLN K 155 -28.88 39.87 -11.75
N GLN K 156 -28.71 41.08 -12.27
CA GLN K 156 -28.10 42.19 -11.56
C GLN K 156 -29.11 43.32 -11.56
N ARG K 157 -29.10 44.16 -10.54
CA ARG K 157 -30.05 45.26 -10.51
C ARG K 157 -29.39 46.46 -11.16
N GLY K 158 -28.14 46.68 -10.82
CA GLY K 158 -27.45 47.83 -11.37
C GLY K 158 -26.87 47.51 -12.75
N SER K 159 -25.56 47.63 -12.91
CA SER K 159 -24.86 47.32 -14.15
C SER K 159 -23.34 47.38 -13.95
N HIS K 160 -22.95 46.87 -12.79
CA HIS K 160 -21.62 46.78 -12.36
C HIS K 160 -20.95 45.50 -12.89
N PHE K 161 -21.76 44.69 -13.69
CA PHE K 161 -21.18 43.40 -14.11
C PHE K 161 -21.59 43.03 -15.54
N VAL K 162 -20.82 42.08 -16.11
CA VAL K 162 -21.05 41.53 -17.45
C VAL K 162 -20.72 40.05 -17.31
N VAL K 163 -21.05 39.30 -18.35
CA VAL K 163 -20.80 37.87 -18.32
C VAL K 163 -19.39 37.60 -18.83
N ALA L 2 -39.29 41.49 9.29
CA ALA L 2 -38.33 42.43 9.92
C ALA L 2 -37.88 43.48 8.92
N LEU L 3 -36.84 43.18 8.14
CA LEU L 3 -36.35 44.15 7.16
C LEU L 3 -37.45 44.42 6.10
N THR L 4 -37.49 45.64 5.59
CA THR L 4 -38.49 46.02 4.58
C THR L 4 -37.91 45.82 3.18
N ASN L 5 -38.76 45.63 2.17
CA ASN L 5 -38.26 45.47 0.80
C ASN L 5 -37.21 46.49 0.53
N ALA L 6 -37.65 47.72 0.74
CA ALA L 6 -36.84 48.87 0.51
C ALA L 6 -35.50 48.69 1.20
N GLN L 7 -35.51 48.13 2.40
CA GLN L 7 -34.27 47.91 3.13
C GLN L 7 -33.47 46.79 2.50
N ILE L 8 -34.17 45.77 2.04
CA ILE L 8 -33.53 44.64 1.40
C ILE L 8 -32.78 45.15 0.17
N LEU L 9 -33.53 45.70 -0.77
CA LEU L 9 -32.97 46.24 -1.98
C LEU L 9 -31.74 47.09 -1.70
N ALA L 10 -31.78 47.84 -0.61
CA ALA L 10 -30.67 48.70 -0.23
C ALA L 10 -29.42 47.86 -0.06
N VAL L 11 -29.59 46.73 0.61
CA VAL L 11 -28.48 45.82 0.83
C VAL L 11 -27.95 45.31 -0.50
N ILE L 12 -28.82 44.62 -1.23
CA ILE L 12 -28.45 44.09 -2.53
C ILE L 12 -27.60 45.08 -3.31
N ASP L 13 -28.06 46.32 -3.35
CA ASP L 13 -27.36 47.35 -4.09
C ASP L 13 -26.00 47.65 -3.52
N SER L 14 -25.90 47.72 -2.20
CA SER L 14 -24.62 48.01 -1.58
C SER L 14 -23.67 46.86 -1.90
N TRP L 15 -24.25 45.66 -2.00
CA TRP L 15 -23.50 44.45 -2.29
C TRP L 15 -22.94 44.58 -3.70
N GLU L 16 -23.82 44.61 -4.69
CA GLU L 16 -23.45 44.72 -6.11
C GLU L 16 -22.36 45.75 -6.32
N GLU L 17 -22.40 46.80 -5.54
CA GLU L 17 -21.44 47.88 -5.61
C GLU L 17 -20.04 47.44 -5.20
N THR L 18 -19.92 46.92 -3.97
CA THR L 18 -18.64 46.45 -3.42
C THR L 18 -18.10 45.28 -4.26
N VAL L 19 -19.01 44.40 -4.68
CA VAL L 19 -18.66 43.24 -5.49
C VAL L 19 -18.15 43.72 -6.84
N GLY L 20 -18.80 44.74 -7.39
CA GLY L 20 -18.40 45.26 -8.67
C GLY L 20 -16.96 45.72 -8.81
N GLN L 21 -16.28 45.94 -7.68
CA GLN L 21 -14.88 46.40 -7.65
C GLN L 21 -13.90 45.27 -7.47
N PHE L 22 -14.42 44.06 -7.40
CA PHE L 22 -13.55 42.89 -7.25
C PHE L 22 -12.75 42.72 -8.56
N PRO L 23 -11.47 42.33 -8.47
CA PRO L 23 -10.72 42.17 -9.73
C PRO L 23 -11.54 41.29 -10.71
N VAL L 24 -11.57 41.64 -12.01
CA VAL L 24 -12.33 40.86 -13.00
C VAL L 24 -11.37 39.90 -13.71
N ILE L 25 -11.74 38.62 -13.82
CA ILE L 25 -10.92 37.59 -14.46
C ILE L 25 -11.59 37.02 -15.71
N THR L 26 -10.86 37.03 -16.82
CA THR L 26 -11.34 36.51 -18.09
C THR L 26 -11.00 35.02 -18.17
N HIS L 27 -12.05 34.20 -18.27
CA HIS L 27 -11.87 32.75 -18.35
C HIS L 27 -12.48 32.15 -19.63
N HIS L 28 -11.72 31.26 -20.27
CA HIS L 28 -12.20 30.57 -21.48
C HIS L 28 -12.80 29.26 -21.00
N VAL L 29 -14.05 29.03 -21.32
CA VAL L 29 -14.67 27.81 -20.88
C VAL L 29 -15.38 27.12 -22.02
N PRO L 30 -15.44 25.78 -21.96
CA PRO L 30 -16.11 25.00 -23.00
C PRO L 30 -17.61 25.12 -22.86
N LEU L 31 -18.29 25.48 -23.94
CA LEU L 31 -19.72 25.65 -23.90
C LEU L 31 -20.36 24.34 -24.38
N GLY L 32 -19.54 23.51 -25.03
CA GLY L 32 -20.02 22.24 -25.55
C GLY L 32 -19.99 22.29 -27.07
N GLY L 33 -20.23 21.16 -27.71
CA GLY L 33 -20.22 21.12 -29.16
C GLY L 33 -18.86 21.51 -29.74
N GLY L 34 -17.82 21.37 -28.92
CA GLY L 34 -16.47 21.69 -29.35
C GLY L 34 -16.27 23.19 -29.49
N LEU L 35 -17.15 23.95 -28.85
CA LEU L 35 -17.09 25.40 -28.90
C LEU L 35 -16.56 26.00 -27.60
N GLN L 36 -15.78 27.06 -27.75
CA GLN L 36 -15.19 27.75 -26.62
C GLN L 36 -15.87 29.12 -26.47
N GLY L 37 -16.00 29.59 -25.24
CA GLY L 37 -16.59 30.89 -24.99
C GLY L 37 -15.74 31.64 -23.98
N THR L 38 -16.20 32.83 -23.59
CA THR L 38 -15.45 33.60 -22.59
C THR L 38 -16.36 34.13 -21.47
N LEU L 39 -15.81 34.12 -20.26
CA LEU L 39 -16.54 34.57 -19.08
C LEU L 39 -15.69 35.50 -18.22
N HIS L 40 -16.35 36.30 -17.41
CA HIS L 40 -15.66 37.24 -16.55
C HIS L 40 -16.14 37.13 -15.11
N CYS L 41 -15.28 36.62 -14.24
CA CYS L 41 -15.66 36.46 -12.87
C CYS L 41 -15.09 37.57 -12.01
N TYR L 42 -15.90 38.04 -11.07
CA TYR L 42 -15.47 39.07 -10.12
C TYR L 42 -15.05 38.30 -8.86
N GLU L 43 -13.77 37.96 -8.80
CA GLU L 43 -13.27 37.17 -7.69
C GLU L 43 -12.86 37.92 -6.44
N ILE L 44 -13.43 37.49 -5.32
CA ILE L 44 -13.12 38.07 -4.03
C ILE L 44 -11.65 37.74 -3.75
N PRO L 45 -10.91 38.65 -3.11
CA PRO L 45 -9.49 38.38 -2.82
C PRO L 45 -9.22 37.06 -2.09
N LEU L 46 -7.96 36.63 -2.10
CA LEU L 46 -7.58 35.38 -1.46
C LEU L 46 -7.51 35.56 0.04
N ALA L 47 -7.02 36.73 0.46
CA ALA L 47 -6.89 37.03 1.89
C ALA L 47 -7.50 38.40 2.20
N ALA L 48 -7.65 38.67 3.50
CA ALA L 48 -8.22 39.96 3.94
C ALA L 48 -7.21 41.03 3.53
N PRO L 49 -7.69 42.23 3.20
CA PRO L 49 -9.14 42.43 3.18
C PRO L 49 -9.83 42.03 1.89
N TYR L 50 -10.98 41.38 2.06
CA TYR L 50 -11.80 40.91 0.96
C TYR L 50 -12.61 42.02 0.37
N GLY L 51 -13.31 42.72 1.24
CA GLY L 51 -14.13 43.81 0.77
C GLY L 51 -14.82 44.48 1.92
N VAL L 52 -15.81 45.30 1.58
CA VAL L 52 -16.60 46.04 2.57
C VAL L 52 -17.72 45.19 3.13
N GLY L 53 -17.54 44.69 4.34
CA GLY L 53 -18.57 43.88 4.96
C GLY L 53 -18.45 42.41 4.62
N PHE L 54 -17.33 42.03 4.03
CA PHE L 54 -17.10 40.64 3.64
C PHE L 54 -16.04 39.99 4.54
N ALA L 55 -16.24 38.72 4.88
CA ALA L 55 -15.32 38.00 5.75
C ALA L 55 -15.33 36.52 5.36
N LYS L 56 -14.27 35.75 5.64
CA LYS L 56 -14.41 34.34 5.33
C LYS L 56 -14.51 33.52 6.60
N ASN L 57 -15.60 32.78 6.62
CA ASN L 57 -15.94 31.89 7.71
C ASN L 57 -15.36 30.53 7.36
N GLY L 58 -14.78 30.42 6.17
CA GLY L 58 -14.19 29.15 5.74
C GLY L 58 -13.30 29.30 4.52
N PRO L 59 -12.46 28.29 4.29
CA PRO L 59 -11.54 28.30 3.15
C PRO L 59 -12.13 28.97 1.88
N THR L 60 -13.29 28.49 1.44
CA THR L 60 -14.02 28.96 0.25
C THR L 60 -15.43 29.34 0.67
N ARG L 61 -15.52 29.95 1.85
CA ARG L 61 -16.78 30.36 2.45
C ARG L 61 -16.63 31.78 2.99
N TRP L 62 -17.58 32.66 2.64
CA TRP L 62 -17.60 34.06 3.09
C TRP L 62 -18.99 34.49 3.53
N GLN L 63 -19.05 35.65 4.18
CA GLN L 63 -20.31 36.19 4.67
C GLN L 63 -20.39 37.70 4.46
N TYR L 64 -21.59 38.20 4.19
CA TYR L 64 -21.78 39.63 4.02
C TYR L 64 -22.60 40.11 5.21
N LYS L 65 -22.10 41.14 5.88
CA LYS L 65 -22.76 41.67 7.07
C LYS L 65 -23.02 43.17 6.99
N ARG L 66 -24.23 43.56 7.36
CA ARG L 66 -24.64 44.97 7.35
C ARG L 66 -25.45 45.28 8.60
N THR L 67 -25.16 46.44 9.21
CA THR L 67 -25.88 46.88 10.40
C THR L 67 -27.03 47.78 9.95
N ILE L 68 -28.24 47.53 10.48
CA ILE L 68 -29.40 48.35 10.10
C ILE L 68 -30.26 48.63 11.33
N ASN L 69 -30.38 49.90 11.68
CA ASN L 69 -31.16 50.36 12.82
C ASN L 69 -30.69 49.67 14.11
N GLN L 70 -29.37 49.64 14.29
CA GLN L 70 -28.69 49.05 15.44
C GLN L 70 -28.79 47.54 15.54
N VAL L 71 -28.96 46.88 14.39
CA VAL L 71 -29.11 45.44 14.37
C VAL L 71 -28.22 44.93 13.25
N VAL L 72 -27.30 44.01 13.58
CA VAL L 72 -26.40 43.46 12.56
C VAL L 72 -27.13 42.35 11.81
N HIS L 73 -26.90 42.27 10.50
CA HIS L 73 -27.53 41.28 9.67
C HIS L 73 -26.46 40.61 8.86
N ARG L 74 -26.42 39.29 8.90
CA ARG L 74 -25.43 38.56 8.09
C ARG L 74 -26.05 37.50 7.17
N TRP L 75 -25.46 37.32 5.99
CA TRP L 75 -25.90 36.36 5.01
C TRP L 75 -24.70 35.78 4.28
N GLY L 76 -24.98 34.77 3.47
CA GLY L 76 -23.93 34.12 2.70
C GLY L 76 -23.52 35.05 1.59
N SER L 77 -22.21 35.18 1.40
CA SER L 77 -21.68 36.11 0.39
C SER L 77 -22.31 35.92 -0.98
N HIS L 78 -22.99 34.78 -1.19
CA HIS L 78 -23.60 34.53 -2.48
C HIS L 78 -25.13 34.49 -2.43
N THR L 79 -25.70 34.57 -1.24
CA THR L 79 -27.16 34.53 -1.08
C THR L 79 -27.89 35.87 -1.34
N VAL L 80 -27.20 37.00 -1.12
CA VAL L 80 -27.78 38.31 -1.27
C VAL L 80 -28.65 38.49 -2.49
N PRO L 81 -28.12 38.31 -3.70
CA PRO L 81 -28.96 38.49 -4.91
C PRO L 81 -30.33 37.88 -4.88
N PHE L 82 -30.52 36.87 -4.05
CA PHE L 82 -31.83 36.22 -3.98
C PHE L 82 -32.45 36.35 -2.58
N LEU L 83 -32.50 37.57 -2.06
CA LEU L 83 -33.04 37.81 -0.72
C LEU L 83 -34.55 38.00 -0.74
N LEU L 84 -35.12 38.26 -1.92
CA LEU L 84 -36.56 38.47 -2.04
C LEU L 84 -37.22 37.18 -2.46
N GLU L 85 -36.42 36.30 -3.06
CA GLU L 85 -36.86 35.01 -3.55
C GLU L 85 -37.11 34.10 -2.38
N PRO L 86 -37.92 33.04 -2.59
CA PRO L 86 -38.26 32.03 -1.56
C PRO L 86 -37.03 31.27 -1.09
N ASP L 87 -37.19 30.36 -0.14
CA ASP L 87 -36.06 29.63 0.36
C ASP L 87 -36.31 28.12 0.34
N ASN L 88 -37.25 27.71 -0.51
CA ASN L 88 -37.58 26.30 -0.67
C ASN L 88 -38.50 26.12 -1.87
N ILE L 89 -38.22 25.11 -2.69
CA ILE L 89 -39.05 24.82 -3.85
C ILE L 89 -39.44 23.35 -3.75
N ASN L 90 -40.75 23.11 -3.68
CA ASN L 90 -41.26 21.75 -3.57
C ASN L 90 -40.70 21.13 -2.29
N GLY L 91 -40.48 21.96 -1.27
CA GLY L 91 -39.97 21.46 -0.01
C GLY L 91 -38.46 21.31 0.02
N LYS L 92 -37.80 21.71 -1.06
CA LYS L 92 -36.34 21.61 -1.14
C LYS L 92 -35.68 22.95 -0.87
N THR L 93 -34.73 22.96 0.07
CA THR L 93 -34.02 24.20 0.41
C THR L 93 -33.20 24.68 -0.78
N CYS L 94 -33.32 25.97 -1.11
CA CYS L 94 -32.58 26.53 -2.22
C CYS L 94 -31.28 27.17 -1.73
N THR L 95 -30.27 27.19 -2.60
CA THR L 95 -28.97 27.78 -2.30
C THR L 95 -28.48 28.57 -3.51
N ALA L 96 -27.25 29.08 -3.45
CA ALA L 96 -26.71 29.84 -4.56
C ALA L 96 -25.85 28.87 -5.38
N SER L 97 -26.15 28.76 -6.69
CA SER L 97 -25.43 27.85 -7.55
C SER L 97 -24.54 28.59 -8.54
N HIS L 98 -23.23 28.30 -8.55
CA HIS L 98 -22.31 28.96 -9.48
C HIS L 98 -22.49 28.36 -10.86
N LEU L 99 -22.70 29.23 -11.84
CA LEU L 99 -22.90 28.79 -13.19
C LEU L 99 -21.54 28.76 -13.87
N CYS L 100 -20.56 29.38 -13.23
CA CYS L 100 -19.21 29.44 -13.75
C CYS L 100 -18.31 28.44 -13.01
N HIS L 101 -18.85 27.84 -11.97
CA HIS L 101 -18.13 26.87 -11.17
C HIS L 101 -16.87 27.46 -10.55
N ASN L 102 -16.94 28.75 -10.19
CA ASN L 102 -15.82 29.44 -9.54
C ASN L 102 -16.30 30.06 -8.23
N THR L 103 -15.91 29.46 -7.11
CA THR L 103 -16.31 29.94 -5.79
C THR L 103 -15.99 31.41 -5.55
N ARG L 104 -14.72 31.77 -5.66
CA ARG L 104 -14.30 33.15 -5.43
C ARG L 104 -15.08 34.20 -6.22
N CYS L 105 -15.64 33.78 -7.35
CA CYS L 105 -16.42 34.68 -8.19
C CYS L 105 -17.72 35.05 -7.47
N HIS L 106 -18.12 36.31 -7.59
CA HIS L 106 -19.35 36.77 -6.93
C HIS L 106 -20.26 37.55 -7.91
N ASN L 107 -19.98 37.45 -9.21
CA ASN L 107 -20.78 38.12 -10.22
C ASN L 107 -22.17 37.47 -10.28
N PRO L 108 -23.22 38.22 -9.92
CA PRO L 108 -24.61 37.69 -9.92
C PRO L 108 -25.07 37.12 -11.26
N LEU L 109 -24.37 37.51 -12.31
CA LEU L 109 -24.73 37.06 -13.63
C LEU L 109 -24.32 35.61 -13.80
N HIS L 110 -23.43 35.17 -12.90
CA HIS L 110 -22.91 33.81 -12.89
C HIS L 110 -23.47 33.09 -11.66
N LEU L 111 -24.73 33.35 -11.32
CA LEU L 111 -25.31 32.70 -10.14
C LEU L 111 -26.79 32.42 -10.32
N CYS L 112 -27.32 31.56 -9.46
CA CYS L 112 -28.75 31.24 -9.51
C CYS L 112 -29.21 30.56 -8.22
N TRP L 113 -30.53 30.62 -8.00
CA TRP L 113 -31.16 30.08 -6.81
C TRP L 113 -31.84 28.76 -7.14
N GLU L 114 -31.24 27.67 -6.69
CA GLU L 114 -31.79 26.34 -6.98
C GLU L 114 -31.45 25.32 -5.92
N SER L 115 -32.17 24.19 -5.93
CA SER L 115 -31.94 23.16 -4.93
C SER L 115 -30.49 22.64 -4.96
N ALA L 116 -30.14 21.80 -3.99
CA ALA L 116 -28.79 21.25 -3.92
C ALA L 116 -28.53 20.25 -5.03
N ASP L 117 -29.57 19.53 -5.42
CA ASP L 117 -29.43 18.54 -6.48
C ASP L 117 -29.20 19.22 -7.82
N ASP L 118 -30.08 20.16 -8.17
CA ASP L 118 -29.95 20.87 -9.43
C ASP L 118 -28.56 21.45 -9.56
N ASN L 119 -28.09 22.10 -8.49
CA ASN L 119 -26.76 22.72 -8.49
C ASN L 119 -25.70 21.69 -8.88
N LYS L 120 -25.70 20.55 -8.21
CA LYS L 120 -24.74 19.49 -8.48
C LYS L 120 -24.80 18.95 -9.90
N GLY L 121 -26.02 18.75 -10.40
CA GLY L 121 -26.23 18.23 -11.74
C GLY L 121 -25.50 19.01 -12.82
N ARG L 122 -25.48 20.34 -12.70
CA ARG L 122 -24.78 21.17 -13.68
C ARG L 122 -23.32 20.71 -13.81
N ASN L 123 -22.84 19.99 -12.81
CA ASN L 123 -21.46 19.52 -12.80
C ASN L 123 -21.11 18.61 -13.98
N TRP L 124 -22.10 17.87 -14.46
CA TRP L 124 -21.93 16.94 -15.58
C TRP L 124 -22.72 17.35 -16.82
N CYS L 125 -23.20 18.59 -16.85
CA CYS L 125 -23.96 19.06 -18.00
C CYS L 125 -23.07 19.28 -19.22
N PRO L 126 -23.53 18.82 -20.38
CA PRO L 126 -22.75 18.95 -21.62
C PRO L 126 -22.45 20.39 -22.00
N GLY L 127 -23.23 21.31 -21.47
CA GLY L 127 -23.02 22.71 -21.78
C GLY L 127 -24.16 23.25 -22.61
N PRO L 128 -24.26 24.58 -22.78
CA PRO L 128 -25.34 25.20 -23.56
C PRO L 128 -25.20 24.89 -25.05
N ASN L 129 -23.97 24.55 -25.44
CA ASN L 129 -23.66 24.21 -26.83
C ASN L 129 -23.50 22.71 -26.98
N GLY L 130 -23.55 22.00 -25.87
CA GLY L 130 -23.41 20.56 -25.90
C GLY L 130 -24.76 19.88 -25.87
N GLY L 131 -25.79 20.66 -25.54
CA GLY L 131 -27.14 20.12 -25.49
C GLY L 131 -27.81 20.24 -24.13
N CYS L 132 -27.38 21.22 -23.34
CA CYS L 132 -27.96 21.45 -22.02
C CYS L 132 -29.47 21.65 -22.10
N VAL L 133 -30.19 21.14 -21.12
CA VAL L 133 -31.64 21.27 -21.11
C VAL L 133 -32.15 21.94 -19.84
N HIS L 134 -31.23 22.47 -19.05
CA HIS L 134 -31.56 23.16 -17.81
C HIS L 134 -32.49 24.34 -18.09
N ALA L 135 -33.58 24.43 -17.32
CA ALA L 135 -34.54 25.51 -17.50
C ALA L 135 -33.74 26.80 -17.56
N VAL L 136 -32.92 27.02 -16.54
CA VAL L 136 -32.06 28.19 -16.49
C VAL L 136 -30.74 27.71 -17.10
N VAL L 137 -30.60 27.91 -18.41
CA VAL L 137 -29.42 27.47 -19.16
C VAL L 137 -28.09 27.60 -18.44
N CYS L 138 -27.17 26.71 -18.78
CA CYS L 138 -25.84 26.70 -18.21
C CYS L 138 -25.02 27.77 -18.94
N LEU L 139 -23.98 28.26 -18.30
CA LEU L 139 -23.12 29.28 -18.88
C LEU L 139 -21.89 28.60 -19.46
N ARG L 140 -21.71 27.35 -19.04
CA ARG L 140 -20.57 26.55 -19.47
C ARG L 140 -20.88 25.09 -19.24
N GLN L 141 -20.10 24.22 -19.89
CA GLN L 141 -20.27 22.78 -19.74
C GLN L 141 -19.61 22.30 -18.46
N GLY L 142 -20.31 21.41 -17.74
CA GLY L 142 -19.80 20.89 -16.49
C GLY L 142 -18.33 20.59 -16.55
N PRO L 143 -17.61 20.71 -15.42
CA PRO L 143 -16.17 20.42 -15.43
C PRO L 143 -15.94 18.93 -15.24
N LEU L 144 -17.03 18.19 -15.13
CA LEU L 144 -16.93 16.75 -14.93
C LEU L 144 -17.60 15.98 -16.06
N TYR L 145 -18.08 16.70 -17.06
CA TYR L 145 -18.71 16.06 -18.21
C TYR L 145 -17.64 15.23 -18.93
N GLY L 146 -18.03 14.05 -19.36
CA GLY L 146 -17.08 13.20 -20.05
C GLY L 146 -17.52 11.76 -20.10
N PRO L 147 -16.67 10.87 -20.60
CA PRO L 147 -17.02 9.45 -20.68
C PRO L 147 -16.66 8.73 -19.39
N GLY L 148 -15.78 9.36 -18.62
CA GLY L 148 -15.37 8.77 -17.37
C GLY L 148 -14.17 7.87 -17.51
N ALA L 149 -13.74 7.28 -16.39
CA ALA L 149 -12.61 6.37 -16.35
C ALA L 149 -13.02 5.07 -15.66
N THR L 150 -14.28 4.69 -15.85
CA THR L 150 -14.82 3.46 -15.28
C THR L 150 -13.87 2.31 -15.55
N VAL L 151 -13.51 1.61 -14.49
CA VAL L 151 -12.58 0.48 -14.55
C VAL L 151 -13.17 -0.80 -15.15
N ALA L 152 -14.21 -1.35 -14.52
CA ALA L 152 -14.84 -2.60 -14.97
C ALA L 152 -16.34 -2.44 -15.23
N GLY L 153 -16.83 -3.00 -16.34
CA GLY L 153 -18.24 -2.93 -16.71
C GLY L 153 -19.09 -4.03 -16.12
N PRO L 154 -20.41 -4.03 -16.43
CA PRO L 154 -21.31 -5.07 -15.89
C PRO L 154 -20.84 -6.39 -16.42
N GLN L 155 -20.98 -7.49 -15.65
CA GLN L 155 -20.41 -8.76 -16.12
C GLN L 155 -20.62 -9.90 -15.11
N GLN L 156 -21.05 -11.06 -15.63
CA GLN L 156 -21.28 -12.30 -14.83
C GLN L 156 -20.43 -13.52 -15.27
N ARG L 157 -19.95 -14.29 -14.30
CA ARG L 157 -19.15 -15.50 -14.57
C ARG L 157 -19.97 -16.57 -15.21
N GLY L 158 -20.94 -16.97 -14.41
CA GLY L 158 -21.85 -18.03 -14.79
C GLY L 158 -22.85 -17.57 -15.81
N SER L 159 -24.12 -17.72 -15.45
CA SER L 159 -25.20 -17.40 -16.37
C SER L 159 -26.45 -17.31 -15.54
N HIS L 160 -26.30 -16.94 -14.28
CA HIS L 160 -27.44 -16.86 -13.39
C HIS L 160 -28.31 -15.63 -13.62
N PHE L 161 -27.86 -14.66 -14.40
CA PHE L 161 -28.63 -13.45 -14.62
C PHE L 161 -28.86 -13.04 -16.08
N VAL L 162 -29.74 -12.07 -16.25
CA VAL L 162 -30.06 -11.48 -17.54
C VAL L 162 -30.28 -9.98 -17.24
N VAL L 163 -30.20 -9.18 -18.31
CA VAL L 163 -30.42 -7.71 -18.11
C VAL L 163 -31.88 -7.45 -18.00
#